data_3DYG
#
_entry.id   3DYG
#
_cell.length_a   135.565
_cell.length_b   118.520
_cell.length_c   63.186
_cell.angle_alpha   90.00
_cell.angle_beta   112.36
_cell.angle_gamma   90.00
#
_symmetry.space_group_name_H-M   'C 1 2 1'
#
loop_
_entity.id
_entity.type
_entity.pdbx_description
1 polymer 'FARNESYL PYROPHOSPHATE SYNTHASE'
2 non-polymer 'MAGNESIUM ION'
3 non-polymer 'ACETATE ION'
4 non-polymer 3-FLUORO-1-(2-HYDROXY-2,2-DIPHOSPHONOETHYL)PYRIDINIUM
5 non-polymer BETA-MERCAPTOETHANOL
6 non-polymer (4S)-2-METHYL-2,4-PENTANEDIOL
7 water water
#
_entity_poly.entity_id   1
_entity_poly.type   'polypeptide(L)'
_entity_poly.pdbx_seq_one_letter_code
;MGSSHHHHHHSSGLVPRGSHMASMPMQMFMQVYDEIQMFLLEELELKFDMDPNRVRYLRKMMDTTCLGGKYNRGLTVIDV
AESLLSLSPNNNGEEDDGARRKRVLHDACVCGWMIEFLQAHYLVEDDIMDNSVTRRGKPCWYRHPDVTVQCAINDGLLLK
SWTHMMAMHFFADRPFLQDLLCRFNRVDYTTAVGQLYDVTSMFDSNKLDPDVSQPTTTDFAEFTLSNYKRIVKYKTAYYT
YLLPLVMGLIVSEALPTVDMGVTEELAMLMGEYFQVQDDVMDCFTPPERLGKVGTDIQDAKCSWLAVTFLAKASSAQVAE
FKANYGSGDSEKVATVRRLYEEADLQGDYVAYEAAVAEQVKELIEKLRLCSPGFAASVETLWGKTYKRQK
;
_entity_poly.pdbx_strand_id   A,B
#
loop_
_chem_comp.id
_chem_comp.type
_chem_comp.name
_chem_comp.formula
ACT non-polymer 'ACETATE ION' 'C2 H3 O2 -1'
BME non-polymer BETA-MERCAPTOETHANOL 'C2 H6 O S'
MG non-polymer 'MAGNESIUM ION' 'Mg 2'
MPD non-polymer (4S)-2-METHYL-2,4-PENTANEDIOL 'C6 H14 O2'
NI9 non-polymer 3-FLUORO-1-(2-HYDROXY-2,2-DIPHOSPHONOETHYL)PYRIDINIUM 'C7 H11 F N O7 P2 1'
#
# COMPACT_ATOMS: atom_id res chain seq x y z
N MET A 24 -6.42 20.71 25.68
CA MET A 24 -7.75 20.09 25.35
C MET A 24 -7.71 19.47 23.96
N PRO A 25 -7.19 20.19 22.95
CA PRO A 25 -7.16 19.57 21.62
C PRO A 25 -6.39 18.25 21.67
N MET A 26 -5.26 18.27 22.35
CA MET A 26 -4.43 17.08 22.45
C MET A 26 -5.04 15.97 23.31
N GLN A 27 -5.89 16.32 24.27
CA GLN A 27 -6.48 15.27 25.11
C GLN A 27 -7.63 14.53 24.42
N MET A 28 -8.46 15.23 23.66
CA MET A 28 -9.54 14.52 22.99
C MET A 28 -8.99 13.69 21.84
N PHE A 29 -7.99 14.22 21.13
CA PHE A 29 -7.37 13.54 20.00
C PHE A 29 -6.81 12.19 20.40
N MET A 30 -6.25 12.10 21.60
CA MET A 30 -5.70 10.83 22.09
C MET A 30 -6.84 9.91 22.53
N GLN A 31 -7.94 10.51 22.97
CA GLN A 31 -9.08 9.73 23.39
C GLN A 31 -9.67 8.97 22.19
N VAL A 32 -9.78 9.64 21.06
CA VAL A 32 -10.31 9.00 19.87
C VAL A 32 -9.30 7.96 19.38
N TYR A 33 -8.02 8.18 19.65
CA TYR A 33 -7.02 7.20 19.24
C TYR A 33 -7.31 5.85 19.91
N ASP A 34 -7.62 5.87 21.21
CA ASP A 34 -7.91 4.64 21.94
C ASP A 34 -9.21 3.99 21.43
N GLU A 35 -10.16 4.83 21.04
CA GLU A 35 -11.44 4.36 20.52
C GLU A 35 -11.21 3.65 19.18
N ILE A 36 -10.32 4.21 18.37
CA ILE A 36 -9.99 3.62 17.08
C ILE A 36 -9.20 2.33 17.28
N GLN A 37 -8.19 2.36 18.14
CA GLN A 37 -7.37 1.17 18.36
C GLN A 37 -8.24 0.03 18.86
N MET A 38 -9.19 0.37 19.72
CA MET A 38 -10.07 -0.64 20.29
C MET A 38 -10.94 -1.29 19.22
N PHE A 39 -11.58 -0.47 18.39
CA PHE A 39 -12.43 -0.98 17.34
C PHE A 39 -11.65 -1.93 16.44
N LEU A 40 -10.54 -1.43 15.89
CA LEU A 40 -9.70 -2.20 14.98
C LEU A 40 -9.19 -3.51 15.57
N LEU A 41 -8.52 -3.45 16.72
CA LEU A 41 -7.99 -4.66 17.31
C LEU A 41 -9.07 -5.68 17.67
N GLU A 42 -10.20 -5.19 18.22
CA GLU A 42 -11.28 -6.10 18.59
C GLU A 42 -11.93 -6.72 17.34
N GLU A 43 -12.00 -5.98 16.25
CA GLU A 43 -12.60 -6.52 15.03
C GLU A 43 -11.74 -7.67 14.51
N LEU A 44 -10.42 -7.50 14.58
CA LEU A 44 -9.51 -8.54 14.10
C LEU A 44 -9.70 -9.83 14.90
N GLU A 45 -9.98 -9.69 16.20
CA GLU A 45 -10.17 -10.85 17.07
C GLU A 45 -11.48 -11.53 16.75
N LEU A 46 -12.54 -10.73 16.64
CA LEU A 46 -13.87 -11.24 16.39
C LEU A 46 -14.17 -11.71 14.97
N LYS A 47 -13.80 -10.90 13.98
CA LYS A 47 -14.06 -11.22 12.58
C LYS A 47 -12.91 -11.80 11.75
N PHE A 48 -11.67 -11.61 12.19
CA PHE A 48 -10.53 -12.11 11.42
C PHE A 48 -9.79 -13.30 12.02
N ASP A 49 -10.34 -13.82 13.12
CA ASP A 49 -9.78 -14.99 13.79
C ASP A 49 -8.31 -14.75 14.17
N MET A 50 -8.02 -13.57 14.69
CA MET A 50 -6.64 -13.28 15.07
C MET A 50 -6.34 -13.72 16.49
N ASP A 51 -5.14 -14.26 16.70
CA ASP A 51 -4.72 -14.72 18.01
C ASP A 51 -4.21 -13.59 18.89
N PRO A 52 -4.11 -13.85 20.21
CA PRO A 52 -3.63 -12.83 21.15
C PRO A 52 -2.21 -12.35 20.85
N ASN A 53 -1.37 -13.25 20.40
CA ASN A 53 0.01 -12.87 20.09
C ASN A 53 0.09 -11.86 18.94
N ARG A 54 -0.63 -12.10 17.86
CA ARG A 54 -0.59 -11.17 16.73
C ARG A 54 -1.35 -9.88 17.00
N VAL A 55 -2.41 -9.96 17.80
CA VAL A 55 -3.17 -8.76 18.14
C VAL A 55 -2.24 -7.85 18.94
N ARG A 56 -1.47 -8.45 19.86
CA ARG A 56 -0.51 -7.70 20.67
C ARG A 56 0.56 -7.09 19.77
N TYR A 57 1.05 -7.88 18.82
CA TYR A 57 2.06 -7.42 17.88
C TYR A 57 1.56 -6.18 17.11
N LEU A 58 0.31 -6.25 16.65
CA LEU A 58 -0.26 -5.15 15.89
C LEU A 58 -0.51 -3.92 16.76
N ARG A 59 -0.81 -4.14 18.04
CA ARG A 59 -1.03 -3.00 18.94
C ARG A 59 0.27 -2.21 19.07
N LYS A 60 1.40 -2.90 19.25
CA LYS A 60 2.69 -2.23 19.37
C LYS A 60 3.07 -1.62 18.02
N MET A 61 2.69 -2.29 16.93
CA MET A 61 2.99 -1.78 15.59
C MET A 61 2.28 -0.44 15.41
N MET A 62 0.99 -0.42 15.76
CA MET A 62 0.18 0.80 15.64
C MET A 62 0.72 1.95 16.51
N ASP A 63 1.07 1.64 17.76
CA ASP A 63 1.61 2.64 18.69
C ASP A 63 2.96 3.18 18.24
N THR A 64 3.86 2.28 17.87
CA THR A 64 5.21 2.66 17.45
C THR A 64 5.25 3.50 16.19
N THR A 65 4.49 3.08 15.18
CA THR A 65 4.45 3.79 13.91
C THR A 65 3.51 5.00 13.86
N CYS A 66 2.48 5.02 14.70
CA CYS A 66 1.53 6.13 14.66
C CYS A 66 1.66 7.17 15.78
N LEU A 67 2.32 6.82 16.87
CA LEU A 67 2.48 7.76 17.98
C LEU A 67 3.93 8.23 18.13
N GLY A 68 4.11 9.40 18.73
CA GLY A 68 5.45 9.91 18.92
C GLY A 68 5.73 11.21 18.20
N GLY A 69 5.13 11.41 17.04
CA GLY A 69 5.36 12.64 16.30
C GLY A 69 4.76 13.89 16.94
N LYS A 70 4.67 14.96 16.16
CA LYS A 70 4.12 16.23 16.61
C LYS A 70 2.58 16.28 16.44
N TYR A 71 2.05 15.38 15.63
CA TYR A 71 0.62 15.30 15.33
C TYR A 71 0.13 16.61 14.71
N ASN A 72 1.01 17.34 14.02
CA ASN A 72 0.59 18.60 13.41
C ASN A 72 -0.48 18.42 12.35
N ARG A 73 -0.38 17.32 11.61
CA ARG A 73 -1.35 17.04 10.58
C ARG A 73 -2.73 16.82 11.17
N GLY A 74 -2.81 15.91 12.14
CA GLY A 74 -4.09 15.60 12.77
C GLY A 74 -4.68 16.72 13.59
N LEU A 75 -3.86 17.42 14.35
CA LEU A 75 -4.34 18.52 15.20
C LEU A 75 -4.88 19.66 14.34
N THR A 76 -4.31 19.85 13.16
CA THR A 76 -4.77 20.89 12.25
C THR A 76 -6.24 20.67 11.87
N VAL A 77 -6.62 19.42 11.59
CA VAL A 77 -8.01 19.14 11.22
C VAL A 77 -8.91 19.64 12.34
N ILE A 78 -8.60 19.27 13.57
CA ILE A 78 -9.37 19.68 14.73
C ILE A 78 -9.46 21.21 14.85
N ASP A 79 -8.36 21.90 14.58
CA ASP A 79 -8.36 23.36 14.69
C ASP A 79 -9.17 24.07 13.60
N VAL A 80 -9.12 23.55 12.36
CA VAL A 80 -9.88 24.15 11.27
C VAL A 80 -11.35 23.90 11.57
N ALA A 81 -11.65 22.68 11.98
CA ALA A 81 -13.02 22.30 12.32
C ALA A 81 -13.60 23.24 13.37
N GLU A 82 -12.86 23.43 14.46
CA GLU A 82 -13.34 24.29 15.53
C GLU A 82 -13.50 25.74 15.06
N SER A 83 -12.56 26.22 14.26
CA SER A 83 -12.63 27.60 13.79
C SER A 83 -13.70 27.88 12.72
N LEU A 84 -14.42 26.86 12.29
CA LEU A 84 -15.45 27.05 11.27
C LEU A 84 -16.86 26.82 11.82
N LEU A 85 -16.93 26.38 13.08
CA LEU A 85 -18.20 26.12 13.72
C LEU A 85 -19.24 27.26 13.66
N SER A 86 -18.76 28.52 13.74
CA SER A 86 -19.64 29.69 13.71
C SER A 86 -20.26 29.99 12.34
N LEU A 87 -19.44 29.94 11.30
CA LEU A 87 -19.85 30.23 9.94
C LEU A 87 -19.87 28.94 9.11
N ASP A 97 -27.14 21.19 18.72
CA ASP A 97 -27.01 22.55 19.24
C ASP A 97 -25.63 22.71 19.88
N GLY A 98 -25.29 21.72 20.71
CA GLY A 98 -23.99 21.67 21.36
C GLY A 98 -23.54 20.27 21.07
N ALA A 99 -24.45 19.51 20.47
CA ALA A 99 -24.19 18.13 20.10
C ALA A 99 -23.42 18.20 18.79
N ARG A 100 -23.76 19.20 17.98
CA ARG A 100 -23.11 19.39 16.69
C ARG A 100 -21.62 19.66 16.88
N ARG A 101 -21.29 20.45 17.90
CA ARG A 101 -19.89 20.75 18.16
C ARG A 101 -19.21 19.43 18.52
N LYS A 102 -19.91 18.61 19.29
CA LYS A 102 -19.41 17.32 19.71
C LYS A 102 -19.16 16.43 18.48
N ARG A 103 -20.19 16.28 17.65
CA ARG A 103 -20.09 15.46 16.45
C ARG A 103 -18.98 15.96 15.52
N VAL A 104 -19.02 17.24 15.19
CA VAL A 104 -18.02 17.82 14.30
C VAL A 104 -16.58 17.66 14.79
N LEU A 105 -16.35 17.87 16.09
CA LEU A 105 -15.01 17.72 16.61
C LEU A 105 -14.58 16.26 16.66
N HIS A 106 -15.53 15.36 16.90
CA HIS A 106 -15.18 13.94 16.93
C HIS A 106 -14.85 13.47 15.51
N ASP A 107 -15.61 13.94 14.52
CA ASP A 107 -15.33 13.56 13.15
C ASP A 107 -13.97 14.13 12.75
N ALA A 108 -13.64 15.31 13.30
CA ALA A 108 -12.36 15.96 13.01
C ALA A 108 -11.21 15.13 13.55
N CYS A 109 -11.37 14.61 14.77
CA CYS A 109 -10.34 13.78 15.40
C CYS A 109 -10.11 12.51 14.57
N VAL A 110 -11.18 11.90 14.10
CA VAL A 110 -11.04 10.68 13.30
C VAL A 110 -10.29 11.00 12.01
N CYS A 111 -10.65 12.11 11.37
CA CYS A 111 -9.99 12.52 10.13
C CYS A 111 -8.51 12.82 10.39
N GLY A 112 -8.21 13.28 11.59
CA GLY A 112 -6.84 13.59 11.95
C GLY A 112 -6.01 12.32 11.98
N TRP A 113 -6.60 11.25 12.52
CA TRP A 113 -5.89 9.98 12.57
C TRP A 113 -5.82 9.33 11.20
N MET A 114 -6.84 9.54 10.37
CA MET A 114 -6.78 8.96 9.02
C MET A 114 -5.49 9.49 8.38
N ILE A 115 -5.24 10.80 8.55
CA ILE A 115 -4.04 11.41 8.00
C ILE A 115 -2.82 10.90 8.74
N GLU A 116 -2.87 10.88 10.08
CA GLU A 116 -1.72 10.39 10.85
C GLU A 116 -1.44 8.92 10.52
N PHE A 117 -2.47 8.13 10.26
CA PHE A 117 -2.27 6.72 9.92
C PHE A 117 -1.76 6.62 8.47
N LEU A 118 -2.20 7.53 7.63
CA LEU A 118 -1.76 7.56 6.23
C LEU A 118 -0.26 7.82 6.23
N GLN A 119 0.16 8.81 7.01
CA GLN A 119 1.56 9.15 7.11
C GLN A 119 2.36 8.00 7.70
N ALA A 120 1.81 7.32 8.69
CA ALA A 120 2.52 6.21 9.31
C ALA A 120 2.84 5.18 8.24
N HIS A 121 1.86 4.91 7.39
CA HIS A 121 2.03 3.99 6.28
C HIS A 121 3.20 4.39 5.38
N TYR A 122 3.22 5.64 4.94
CA TYR A 122 4.30 6.09 4.06
C TYR A 122 5.66 6.12 4.76
N LEU A 123 5.68 6.40 6.06
CA LEU A 123 6.94 6.44 6.78
C LEU A 123 7.55 5.05 6.95
N VAL A 124 6.72 4.05 7.20
CA VAL A 124 7.22 2.67 7.34
C VAL A 124 7.90 2.27 6.03
N GLU A 125 7.21 2.50 4.90
CA GLU A 125 7.76 2.16 3.60
C GLU A 125 8.94 3.06 3.22
N ASP A 126 8.83 4.35 3.53
CA ASP A 126 9.89 5.31 3.22
C ASP A 126 11.20 4.93 3.91
N ASP A 127 11.13 4.61 5.19
CA ASP A 127 12.34 4.25 5.91
C ASP A 127 13.04 3.06 5.27
N ILE A 128 12.28 2.06 4.81
CA ILE A 128 12.90 0.92 4.15
C ILE A 128 13.56 1.41 2.86
N MET A 129 12.82 2.18 2.07
CA MET A 129 13.29 2.72 0.80
C MET A 129 14.50 3.65 0.94
N ASP A 130 14.55 4.39 2.04
CA ASP A 130 15.64 5.34 2.30
C ASP A 130 16.76 4.70 3.11
N ASN A 131 16.56 3.44 3.48
CA ASN A 131 17.52 2.68 4.25
C ASN A 131 17.86 3.37 5.58
N SER A 132 16.87 4.02 6.17
CA SER A 132 17.05 4.74 7.42
C SER A 132 17.20 3.84 8.64
N VAL A 133 17.88 4.36 9.65
CA VAL A 133 18.14 3.62 10.89
C VAL A 133 17.21 3.96 12.04
N THR A 134 16.90 5.24 12.22
CA THR A 134 16.02 5.65 13.30
C THR A 134 14.96 6.68 12.91
N ARG A 135 13.93 6.78 13.73
CA ARG A 135 12.85 7.74 13.56
C ARG A 135 12.18 8.04 14.91
N ARG A 136 11.96 9.32 15.17
CA ARG A 136 11.32 9.75 16.42
C ARG A 136 12.08 9.26 17.65
N GLY A 137 13.38 9.06 17.50
CA GLY A 137 14.21 8.64 18.62
C GLY A 137 14.38 7.16 18.88
N LYS A 138 13.93 6.32 17.94
CA LYS A 138 14.08 4.88 18.13
C LYS A 138 14.28 4.19 16.78
N PRO A 139 14.56 2.88 16.79
CA PRO A 139 14.77 2.24 15.49
C PRO A 139 13.55 2.35 14.57
N CYS A 140 13.81 2.49 13.27
CA CYS A 140 12.74 2.55 12.30
C CYS A 140 12.03 1.22 12.49
N TRP A 141 10.76 1.14 12.10
CA TRP A 141 10.01 -0.10 12.27
C TRP A 141 10.69 -1.34 11.68
N TYR A 142 11.14 -1.27 10.42
CA TYR A 142 11.79 -2.45 9.84
C TYR A 142 13.12 -2.75 10.54
N ARG A 143 13.54 -1.88 11.44
CA ARG A 143 14.79 -2.04 12.19
C ARG A 143 14.59 -2.62 13.58
N HIS A 144 13.35 -2.83 14.00
CA HIS A 144 13.11 -3.41 15.30
C HIS A 144 13.57 -4.87 15.27
N PRO A 145 14.22 -5.34 16.35
CA PRO A 145 14.70 -6.74 16.40
C PRO A 145 13.76 -7.83 15.86
N ASP A 146 12.54 -7.95 16.38
CA ASP A 146 11.67 -9.01 15.85
C ASP A 146 10.74 -8.56 14.72
N VAL A 147 11.16 -7.56 13.96
CA VAL A 147 10.36 -7.08 12.83
C VAL A 147 11.17 -7.32 11.57
N THR A 148 10.84 -8.37 10.83
CA THR A 148 11.55 -8.65 9.60
C THR A 148 11.18 -7.59 8.56
N VAL A 149 12.04 -7.42 7.56
CA VAL A 149 11.77 -6.43 6.52
C VAL A 149 10.51 -6.84 5.75
N GLN A 150 10.40 -8.12 5.43
CA GLN A 150 9.24 -8.62 4.72
C GLN A 150 7.93 -8.34 5.45
N CYS A 151 7.90 -8.54 6.76
CA CYS A 151 6.68 -8.27 7.50
C CYS A 151 6.50 -6.75 7.63
N ALA A 152 7.61 -6.01 7.67
CA ALA A 152 7.52 -4.56 7.79
C ALA A 152 6.84 -3.96 6.56
N ILE A 153 7.15 -4.48 5.38
CA ILE A 153 6.53 -3.98 4.15
C ILE A 153 5.00 -4.15 4.28
N ASN A 154 4.57 -5.33 4.71
CA ASN A 154 3.16 -5.62 4.86
C ASN A 154 2.51 -4.86 6.00
N ASP A 155 3.24 -4.66 7.10
CA ASP A 155 2.70 -3.90 8.21
C ASP A 155 2.37 -2.52 7.68
N GLY A 156 3.20 -2.03 6.76
CA GLY A 156 2.95 -0.73 6.18
C GLY A 156 1.59 -0.73 5.52
N LEU A 157 1.32 -1.78 4.75
CA LEU A 157 0.05 -1.92 4.05
C LEU A 157 -1.15 -1.96 5.03
N LEU A 158 -0.98 -2.63 6.16
CA LEU A 158 -2.05 -2.68 7.16
C LEU A 158 -2.40 -1.27 7.65
N LEU A 159 -1.38 -0.46 7.91
CA LEU A 159 -1.58 0.91 8.36
C LEU A 159 -2.48 1.70 7.41
N LYS A 160 -2.29 1.53 6.10
CA LYS A 160 -3.11 2.24 5.13
C LYS A 160 -4.55 1.71 5.13
N SER A 161 -4.70 0.39 5.15
CA SER A 161 -6.02 -0.23 5.17
C SER A 161 -6.84 0.28 6.35
N TRP A 162 -6.17 0.50 7.48
CA TRP A 162 -6.86 0.99 8.67
C TRP A 162 -7.44 2.38 8.48
N THR A 163 -6.89 3.18 7.58
CA THR A 163 -7.46 4.51 7.38
C THR A 163 -8.86 4.30 6.80
N HIS A 164 -8.99 3.39 5.85
CA HIS A 164 -10.30 3.13 5.25
C HIS A 164 -11.22 2.44 6.24
N MET A 165 -10.68 1.48 7.00
CA MET A 165 -11.50 0.75 7.97
C MET A 165 -12.12 1.69 8.99
N MET A 166 -11.32 2.58 9.56
CA MET A 166 -11.84 3.52 10.55
C MET A 166 -12.83 4.50 9.91
N ALA A 167 -12.53 4.94 8.70
CA ALA A 167 -13.40 5.88 8.00
C ALA A 167 -14.79 5.27 7.77
N MET A 168 -14.85 3.99 7.40
CA MET A 168 -16.13 3.34 7.18
C MET A 168 -16.85 3.14 8.50
N HIS A 169 -16.09 2.80 9.54
CA HIS A 169 -16.69 2.58 10.85
C HIS A 169 -17.34 3.84 11.45
N PHE A 170 -16.72 5.00 11.23
CA PHE A 170 -17.24 6.24 11.81
C PHE A 170 -18.08 7.12 10.89
N PHE A 171 -17.81 7.09 9.60
CA PHE A 171 -18.53 7.95 8.65
C PHE A 171 -19.52 7.27 7.72
N ALA A 172 -19.87 6.02 8.01
CA ALA A 172 -20.81 5.28 7.18
C ALA A 172 -22.08 6.05 6.81
N ASP A 173 -22.63 6.81 7.77
CA ASP A 173 -23.86 7.56 7.52
C ASP A 173 -23.71 9.02 7.11
N ARG A 174 -22.48 9.51 7.03
CA ARG A 174 -22.26 10.91 6.67
C ARG A 174 -22.38 11.14 5.17
N PRO A 175 -23.12 12.19 4.77
CA PRO A 175 -23.30 12.52 3.36
C PRO A 175 -21.97 12.89 2.70
N PHE A 176 -21.00 13.32 3.51
CA PHE A 176 -19.71 13.71 2.96
C PHE A 176 -18.72 12.55 2.76
N LEU A 177 -19.10 11.34 3.16
CA LEU A 177 -18.20 10.20 3.04
C LEU A 177 -17.56 10.02 1.65
N GLN A 178 -18.37 10.01 0.60
CA GLN A 178 -17.83 9.84 -0.77
C GLN A 178 -16.81 10.92 -1.13
N ASP A 179 -17.18 12.18 -0.87
CA ASP A 179 -16.32 13.31 -1.17
C ASP A 179 -15.06 13.31 -0.32
N LEU A 180 -15.20 12.93 0.94
CA LEU A 180 -14.09 12.90 1.87
C LEU A 180 -13.06 11.87 1.37
N LEU A 181 -13.51 10.64 1.16
CA LEU A 181 -12.63 9.56 0.69
C LEU A 181 -12.12 9.80 -0.73
N CYS A 182 -12.87 10.53 -1.55
CA CYS A 182 -12.41 10.80 -2.90
C CYS A 182 -11.17 11.71 -2.83
N ARG A 183 -11.22 12.72 -1.99
CA ARG A 183 -10.09 13.64 -1.82
C ARG A 183 -8.92 12.93 -1.12
N PHE A 184 -9.25 12.18 -0.06
CA PHE A 184 -8.26 11.42 0.70
C PHE A 184 -7.44 10.53 -0.23
N ASN A 185 -8.12 9.74 -1.05
CA ASN A 185 -7.47 8.83 -1.99
C ASN A 185 -6.62 9.56 -3.02
N ARG A 186 -7.11 10.71 -3.48
CA ARG A 186 -6.40 11.54 -4.44
C ARG A 186 -5.06 11.92 -3.84
N VAL A 187 -5.07 12.35 -2.58
CA VAL A 187 -3.84 12.76 -1.90
C VAL A 187 -2.94 11.56 -1.60
N ASP A 188 -3.55 10.42 -1.29
CA ASP A 188 -2.77 9.23 -1.05
C ASP A 188 -1.97 9.03 -2.35
N TYR A 189 -2.67 9.10 -3.48
CA TYR A 189 -2.08 8.95 -4.80
C TYR A 189 -0.97 9.97 -5.11
N THR A 190 -1.19 11.25 -4.81
CA THR A 190 -0.16 12.25 -5.08
C THR A 190 1.12 11.97 -4.28
N THR A 191 0.97 11.44 -3.07
CA THR A 191 2.15 11.14 -2.27
C THR A 191 2.94 10.05 -2.98
N ALA A 192 2.26 8.97 -3.37
CA ALA A 192 2.93 7.87 -4.05
C ALA A 192 3.65 8.37 -5.31
N VAL A 193 3.00 9.27 -6.04
CA VAL A 193 3.61 9.82 -7.26
C VAL A 193 4.84 10.65 -6.88
N GLY A 194 4.75 11.38 -5.77
CA GLY A 194 5.88 12.19 -5.31
C GLY A 194 7.03 11.29 -4.90
N GLN A 195 6.72 10.18 -4.23
CA GLN A 195 7.73 9.24 -3.80
C GLN A 195 8.48 8.69 -5.00
N LEU A 196 7.76 8.48 -6.10
CA LEU A 196 8.37 7.99 -7.33
C LEU A 196 9.40 9.01 -7.82
N TYR A 197 9.02 10.29 -7.81
CA TYR A 197 9.90 11.37 -8.25
C TYR A 197 11.14 11.45 -7.36
N ASP A 198 10.94 11.23 -6.06
CA ASP A 198 12.01 11.30 -5.06
C ASP A 198 13.03 10.18 -5.22
N VAL A 199 12.54 8.96 -5.37
CA VAL A 199 13.39 7.79 -5.49
C VAL A 199 14.05 7.55 -6.85
N THR A 200 13.61 8.28 -7.88
CA THR A 200 14.20 8.13 -9.20
C THR A 200 14.85 9.43 -9.65
N SER A 201 15.09 10.32 -8.70
CA SER A 201 15.68 11.62 -9.02
C SER A 201 17.19 11.58 -9.26
N MET A 202 17.88 10.56 -8.73
CA MET A 202 19.33 10.45 -8.89
C MET A 202 19.72 9.62 -10.10
N PHE A 203 18.72 9.21 -10.90
CA PHE A 203 18.97 8.41 -12.09
C PHE A 203 18.55 9.21 -13.33
N ASP A 204 19.45 9.35 -14.30
CA ASP A 204 19.17 10.06 -15.55
C ASP A 204 17.88 9.48 -16.13
N SER A 205 16.78 10.23 -16.08
CA SER A 205 15.49 9.74 -16.55
C SER A 205 15.44 9.34 -18.01
N ASN A 206 16.32 9.92 -18.82
CA ASN A 206 16.37 9.59 -20.24
C ASN A 206 16.72 8.11 -20.42
N LYS A 207 17.40 7.54 -19.42
CA LYS A 207 17.80 6.13 -19.49
C LYS A 207 16.96 5.27 -18.56
N LEU A 208 15.93 5.85 -17.95
CA LEU A 208 15.04 5.11 -17.07
C LEU A 208 14.43 4.03 -17.95
N ASP A 209 14.75 2.77 -17.70
CA ASP A 209 14.26 1.66 -18.53
C ASP A 209 14.22 0.35 -17.74
N PRO A 210 13.04 -0.05 -17.23
CA PRO A 210 12.89 -1.29 -16.44
C PRO A 210 13.85 -2.44 -16.79
N ASP A 211 14.04 -2.68 -18.08
CA ASP A 211 14.89 -3.78 -18.52
C ASP A 211 16.39 -3.54 -18.54
N VAL A 212 16.82 -2.30 -18.32
CA VAL A 212 18.25 -2.01 -18.36
C VAL A 212 18.77 -1.33 -17.10
N SER A 213 19.78 -1.93 -16.47
CA SER A 213 20.36 -1.34 -15.26
C SER A 213 21.08 -0.03 -15.58
N GLN A 214 21.20 0.84 -14.58
CA GLN A 214 21.90 2.12 -14.75
C GLN A 214 22.38 2.56 -13.38
N PRO A 215 23.52 3.28 -13.32
CA PRO A 215 24.01 3.73 -12.02
C PRO A 215 23.54 5.14 -11.69
N THR A 216 23.69 5.51 -10.42
CA THR A 216 23.31 6.85 -9.99
C THR A 216 23.96 7.86 -10.92
N THR A 217 23.23 8.92 -11.25
CA THR A 217 23.74 9.95 -12.14
C THR A 217 25.15 10.37 -11.75
N THR A 218 25.96 10.73 -12.74
CA THR A 218 27.31 11.19 -12.47
C THR A 218 27.45 12.66 -12.89
N ASP A 219 26.55 13.11 -13.77
CA ASP A 219 26.55 14.49 -14.25
C ASP A 219 25.56 15.37 -13.46
N PHE A 220 24.62 14.75 -12.76
CA PHE A 220 23.65 15.49 -11.94
C PHE A 220 22.94 16.60 -12.68
N ALA A 221 22.90 16.52 -14.01
CA ALA A 221 22.25 17.54 -14.83
C ALA A 221 20.79 17.74 -14.47
N GLU A 222 20.20 16.73 -13.82
CA GLU A 222 18.79 16.80 -13.42
C GLU A 222 18.52 17.30 -12.00
N PHE A 223 19.58 17.60 -11.24
CA PHE A 223 19.42 18.12 -9.88
C PHE A 223 19.16 19.62 -10.02
N THR A 224 17.95 19.98 -10.45
CA THR A 224 17.58 21.36 -10.66
C THR A 224 16.45 21.80 -9.73
N LEU A 225 16.39 23.09 -9.42
CA LEU A 225 15.35 23.59 -8.54
C LEU A 225 14.00 23.26 -9.15
N SER A 226 13.96 23.22 -10.47
CA SER A 226 12.73 22.90 -11.17
C SER A 226 12.27 21.50 -10.80
N ASN A 227 13.18 20.55 -10.87
CA ASN A 227 12.84 19.18 -10.55
C ASN A 227 12.61 19.01 -9.06
N TYR A 228 13.35 19.75 -8.24
CA TYR A 228 13.19 19.67 -6.79
C TYR A 228 11.78 20.10 -6.35
N LYS A 229 11.28 21.18 -6.92
CA LYS A 229 9.95 21.68 -6.58
C LYS A 229 8.85 20.67 -6.87
N ARG A 230 8.99 19.91 -7.96
CA ARG A 230 7.98 18.91 -8.29
C ARG A 230 7.96 17.80 -7.25
N ILE A 231 9.14 17.28 -6.92
CA ILE A 231 9.26 16.21 -5.92
C ILE A 231 8.53 16.58 -4.64
N VAL A 232 8.92 17.71 -4.08
CA VAL A 232 8.37 18.21 -2.83
C VAL A 232 6.87 18.53 -2.86
N LYS A 233 6.43 19.19 -3.92
CA LYS A 233 5.02 19.53 -4.04
C LYS A 233 4.16 18.26 -3.87
N TYR A 234 4.51 17.20 -4.58
CA TYR A 234 3.76 15.95 -4.55
C TYR A 234 4.01 14.98 -3.38
N LYS A 235 5.25 14.83 -2.93
CA LYS A 235 5.49 13.91 -1.84
C LYS A 235 5.14 14.48 -0.46
N THR A 236 5.14 15.80 -0.33
CA THR A 236 4.86 16.41 0.98
C THR A 236 3.72 17.42 1.10
N ALA A 237 3.70 18.41 0.22
CA ALA A 237 2.70 19.47 0.25
C ALA A 237 1.24 19.02 0.38
N TYR A 238 0.80 18.15 -0.52
CA TYR A 238 -0.58 17.67 -0.51
C TYR A 238 -1.06 17.00 0.78
N TYR A 239 -0.34 15.97 1.23
CA TYR A 239 -0.76 15.27 2.44
C TYR A 239 -0.45 15.98 3.76
N THR A 240 0.56 16.84 3.76
CA THR A 240 0.96 17.53 4.99
C THR A 240 0.19 18.83 5.23
N TYR A 241 -0.13 19.56 4.17
CA TYR A 241 -0.84 20.83 4.33
C TYR A 241 -2.26 20.90 3.77
N LEU A 242 -2.43 20.51 2.51
CA LEU A 242 -3.75 20.59 1.90
C LEU A 242 -4.77 19.66 2.53
N LEU A 243 -4.44 18.38 2.65
CA LEU A 243 -5.36 17.40 3.20
C LEU A 243 -5.92 17.77 4.58
N PRO A 244 -5.08 18.26 5.51
CA PRO A 244 -5.60 18.62 6.83
C PRO A 244 -6.69 19.69 6.75
N LEU A 245 -6.38 20.77 6.04
CA LEU A 245 -7.31 21.89 5.86
C LEU A 245 -8.58 21.40 5.15
N VAL A 246 -8.39 20.58 4.12
CA VAL A 246 -9.50 20.06 3.36
C VAL A 246 -10.42 19.19 4.22
N MET A 247 -9.87 18.25 4.98
CA MET A 247 -10.70 17.39 5.82
C MET A 247 -11.38 18.20 6.92
N GLY A 248 -10.71 19.25 7.37
CA GLY A 248 -11.28 20.11 8.40
C GLY A 248 -12.47 20.85 7.82
N LEU A 249 -12.32 21.36 6.60
CA LEU A 249 -13.40 22.09 5.96
C LEU A 249 -14.60 21.17 5.73
N ILE A 250 -14.33 19.91 5.37
CA ILE A 250 -15.40 18.96 5.11
C ILE A 250 -16.22 18.57 6.34
N VAL A 251 -15.58 18.19 7.43
CA VAL A 251 -16.34 17.79 8.62
C VAL A 251 -17.11 18.95 9.26
N SER A 252 -16.76 20.18 8.88
CA SER A 252 -17.47 21.34 9.42
C SER A 252 -18.46 21.80 8.38
N GLU A 253 -18.58 21.03 7.31
CA GLU A 253 -19.52 21.33 6.22
C GLU A 253 -19.34 22.76 5.75
N ALA A 254 -18.11 23.12 5.39
CA ALA A 254 -17.82 24.49 4.94
C ALA A 254 -16.88 24.60 3.75
N LEU A 255 -16.49 23.48 3.15
CA LEU A 255 -15.57 23.52 2.02
C LEU A 255 -15.93 24.57 0.97
N PRO A 256 -17.22 24.66 0.59
CA PRO A 256 -17.61 25.65 -0.41
C PRO A 256 -17.32 27.09 0.00
N THR A 257 -17.43 27.39 1.29
CA THR A 257 -17.22 28.75 1.77
C THR A 257 -15.82 29.34 1.57
N VAL A 258 -14.85 28.54 1.11
CA VAL A 258 -13.50 29.08 0.94
C VAL A 258 -12.99 29.17 -0.49
N ASP A 259 -11.99 30.02 -0.69
CA ASP A 259 -11.37 30.15 -2.00
C ASP A 259 -10.35 29.03 -2.10
N MET A 260 -10.69 27.97 -2.82
CA MET A 260 -9.79 26.83 -2.94
C MET A 260 -8.51 27.15 -3.72
N GLY A 261 -8.60 28.06 -4.68
CA GLY A 261 -7.42 28.41 -5.45
C GLY A 261 -6.34 28.97 -4.56
N VAL A 262 -6.75 29.87 -3.68
CA VAL A 262 -5.86 30.50 -2.71
C VAL A 262 -5.44 29.48 -1.66
N THR A 263 -6.37 28.60 -1.27
CA THR A 263 -6.08 27.57 -0.28
C THR A 263 -4.98 26.64 -0.80
N GLU A 264 -5.11 26.16 -2.03
CA GLU A 264 -4.08 25.28 -2.58
C GLU A 264 -2.75 26.02 -2.73
N GLU A 265 -2.83 27.29 -3.09
CA GLU A 265 -1.62 28.10 -3.26
C GLU A 265 -0.82 28.08 -1.95
N LEU A 266 -1.53 28.29 -0.85
CA LEU A 266 -0.90 28.31 0.47
C LEU A 266 -0.33 26.96 0.89
N ALA A 267 -1.13 25.91 0.73
CA ALA A 267 -0.71 24.56 1.09
C ALA A 267 0.56 24.14 0.35
N MET A 268 0.65 24.49 -0.93
CA MET A 268 1.80 24.13 -1.75
C MET A 268 3.02 24.94 -1.32
N LEU A 269 2.80 26.21 -1.01
CA LEU A 269 3.88 27.07 -0.58
C LEU A 269 4.43 26.59 0.77
N MET A 270 3.55 26.43 1.76
CA MET A 270 3.96 25.96 3.08
C MET A 270 4.56 24.54 3.02
N GLY A 271 4.02 23.71 2.14
CA GLY A 271 4.50 22.35 2.00
C GLY A 271 5.93 22.27 1.50
N GLU A 272 6.24 23.07 0.49
CA GLU A 272 7.58 23.10 -0.08
C GLU A 272 8.57 23.60 0.94
N TYR A 273 8.21 24.68 1.62
CA TYR A 273 9.06 25.27 2.66
C TYR A 273 9.27 24.24 3.78
N PHE A 274 8.22 23.48 4.09
CA PHE A 274 8.29 22.45 5.13
C PHE A 274 9.31 21.38 4.79
N GLN A 275 9.37 20.97 3.52
CA GLN A 275 10.30 19.93 3.08
C GLN A 275 11.72 20.46 2.97
N VAL A 276 11.85 21.74 2.64
CA VAL A 276 13.16 22.37 2.53
C VAL A 276 13.77 22.30 3.93
N GLN A 277 12.94 22.60 4.94
CA GLN A 277 13.36 22.55 6.34
C GLN A 277 13.75 21.13 6.67
N ASP A 278 12.97 20.17 6.19
CA ASP A 278 13.28 18.77 6.45
C ASP A 278 14.61 18.41 5.80
N ASP A 279 14.88 19.01 4.63
CA ASP A 279 16.13 18.73 3.94
C ASP A 279 17.30 19.36 4.71
N VAL A 280 17.16 20.63 5.08
CA VAL A 280 18.21 21.33 5.83
C VAL A 280 18.53 20.60 7.15
N MET A 281 17.48 20.26 7.92
CA MET A 281 17.66 19.57 9.18
C MET A 281 18.36 18.22 9.02
N ASP A 282 18.12 17.55 7.90
CA ASP A 282 18.73 16.26 7.65
C ASP A 282 20.24 16.36 7.65
N CYS A 283 20.74 17.45 7.10
CA CYS A 283 22.17 17.67 6.99
C CYS A 283 22.82 18.43 8.16
N PHE A 284 22.09 19.38 8.74
CA PHE A 284 22.65 20.19 9.81
C PHE A 284 22.11 20.05 11.24
N THR A 285 20.91 19.47 11.42
CA THR A 285 20.37 19.34 12.77
C THR A 285 20.91 18.09 13.47
N PRO A 286 21.34 18.23 14.74
CA PRO A 286 21.88 17.09 15.50
C PRO A 286 20.80 16.02 15.62
N PRO A 287 21.15 14.75 15.34
CA PRO A 287 20.15 13.69 15.43
C PRO A 287 19.41 13.64 16.75
N GLU A 288 20.09 14.02 17.83
CA GLU A 288 19.50 14.03 19.17
C GLU A 288 18.24 14.88 19.20
N ARG A 289 18.26 15.96 18.44
CA ARG A 289 17.13 16.86 18.38
C ARG A 289 16.13 16.36 17.34
N LEU A 290 16.63 16.07 16.14
CA LEU A 290 15.80 15.64 15.01
C LEU A 290 15.02 14.34 15.17
N GLY A 291 15.58 13.37 15.90
CA GLY A 291 14.89 12.11 16.11
C GLY A 291 15.30 11.02 15.13
N LYS A 292 16.08 11.39 14.12
CA LYS A 292 16.52 10.43 13.12
C LYS A 292 17.86 10.85 12.53
N VAL A 293 18.58 9.87 11.97
CA VAL A 293 19.88 10.11 11.38
C VAL A 293 19.71 10.41 9.89
N GLY A 294 20.30 11.52 9.43
CA GLY A 294 20.18 11.89 8.02
C GLY A 294 20.73 10.89 7.02
N THR A 295 19.99 10.67 5.94
CA THR A 295 20.40 9.72 4.89
C THR A 295 20.47 10.36 3.50
N ASP A 296 20.07 11.63 3.39
CA ASP A 296 20.04 12.31 2.10
C ASP A 296 21.33 12.32 1.27
N ILE A 297 22.44 12.69 1.90
CA ILE A 297 23.71 12.72 1.17
C ILE A 297 24.06 11.29 0.72
N GLN A 298 24.01 10.35 1.67
CA GLN A 298 24.32 8.96 1.38
C GLN A 298 23.41 8.33 0.31
N ASP A 299 22.13 8.70 0.31
CA ASP A 299 21.19 8.15 -0.66
C ASP A 299 21.21 8.96 -1.96
N ALA A 300 22.09 9.96 -2.03
CA ALA A 300 22.24 10.83 -3.19
C ALA A 300 20.92 11.48 -3.57
N LYS A 301 20.17 11.92 -2.56
CA LYS A 301 18.85 12.54 -2.77
C LYS A 301 18.87 13.92 -3.41
N CYS A 302 17.84 14.19 -4.21
CA CYS A 302 17.72 15.51 -4.85
C CYS A 302 17.13 16.42 -3.77
N SER A 303 17.98 16.85 -2.84
CA SER A 303 17.56 17.71 -1.74
C SER A 303 17.68 19.20 -2.09
N TRP A 304 17.11 20.05 -1.25
CA TRP A 304 17.16 21.49 -1.49
C TRP A 304 18.61 21.97 -1.51
N LEU A 305 19.40 21.44 -0.59
CA LEU A 305 20.80 21.80 -0.49
C LEU A 305 21.52 21.42 -1.80
N ALA A 306 21.36 20.16 -2.22
CA ALA A 306 21.99 19.68 -3.42
C ALA A 306 21.74 20.61 -4.62
N VAL A 307 20.47 20.79 -5.00
CA VAL A 307 20.16 21.64 -6.15
C VAL A 307 20.63 23.08 -5.96
N THR A 308 20.38 23.64 -4.79
CA THR A 308 20.80 25.01 -4.50
C THR A 308 22.32 25.14 -4.64
N PHE A 309 23.06 24.23 -4.04
CA PHE A 309 24.52 24.24 -4.12
C PHE A 309 24.98 24.14 -5.57
N LEU A 310 24.49 23.12 -6.27
CA LEU A 310 24.89 22.90 -7.65
C LEU A 310 24.61 24.08 -8.59
N ALA A 311 23.49 24.76 -8.38
CA ALA A 311 23.13 25.91 -9.21
C ALA A 311 24.08 27.09 -9.08
N LYS A 312 24.72 27.23 -7.91
CA LYS A 312 25.65 28.33 -7.65
C LYS A 312 27.14 27.95 -7.61
N ALA A 313 27.44 26.66 -7.54
CA ALA A 313 28.83 26.19 -7.45
C ALA A 313 29.72 26.40 -8.67
N SER A 314 31.02 26.54 -8.42
CA SER A 314 32.01 26.68 -9.50
C SER A 314 32.30 25.26 -10.03
N SER A 315 32.99 25.17 -11.16
CA SER A 315 33.29 23.86 -11.74
C SER A 315 34.08 23.00 -10.77
N ALA A 316 34.96 23.63 -9.99
CA ALA A 316 35.80 22.95 -9.01
C ALA A 316 34.92 22.41 -7.88
N GLN A 317 34.02 23.26 -7.40
CA GLN A 317 33.10 22.89 -6.33
C GLN A 317 32.19 21.74 -6.75
N VAL A 318 31.76 21.75 -8.01
CA VAL A 318 30.89 20.70 -8.52
C VAL A 318 31.64 19.39 -8.64
N ALA A 319 32.90 19.45 -9.05
CA ALA A 319 33.70 18.25 -9.19
C ALA A 319 33.82 17.54 -7.84
N GLU A 320 34.26 18.28 -6.83
CA GLU A 320 34.43 17.75 -5.49
C GLU A 320 33.11 17.12 -5.02
N PHE A 321 32.02 17.85 -5.19
CA PHE A 321 30.70 17.34 -4.81
C PHE A 321 30.45 15.98 -5.48
N LYS A 322 30.73 15.90 -6.77
CA LYS A 322 30.53 14.69 -7.54
C LYS A 322 31.37 13.51 -7.07
N ALA A 323 32.51 13.79 -6.45
CA ALA A 323 33.39 12.71 -5.99
C ALA A 323 33.13 12.31 -4.54
N ASN A 324 32.19 13.01 -3.91
CA ASN A 324 31.86 12.74 -2.51
C ASN A 324 30.37 12.46 -2.24
N TYR A 325 29.49 12.85 -3.17
CA TYR A 325 28.06 12.67 -2.96
C TYR A 325 27.50 11.28 -3.19
N GLY A 326 26.63 10.83 -2.29
CA GLY A 326 26.01 9.52 -2.43
C GLY A 326 26.94 8.40 -1.99
N SER A 327 27.71 8.66 -0.95
CA SER A 327 28.66 7.70 -0.42
C SER A 327 28.42 7.57 1.08
N GLY A 328 28.48 6.34 1.59
CA GLY A 328 28.26 6.10 3.00
C GLY A 328 29.43 6.56 3.85
N ASP A 329 30.61 6.65 3.24
CA ASP A 329 31.82 7.09 3.92
C ASP A 329 31.66 8.44 4.64
N SER A 330 31.63 8.39 5.98
CA SER A 330 31.46 9.57 6.82
C SER A 330 32.38 10.76 6.50
N GLU A 331 33.52 10.47 5.89
CA GLU A 331 34.48 11.52 5.53
C GLU A 331 33.99 12.24 4.29
N LYS A 332 33.67 11.47 3.26
CA LYS A 332 33.16 12.06 2.02
C LYS A 332 31.88 12.82 2.35
N VAL A 333 31.06 12.22 3.22
CA VAL A 333 29.80 12.83 3.65
C VAL A 333 30.15 14.14 4.34
N ALA A 334 31.18 14.12 5.16
CA ALA A 334 31.61 15.32 5.88
C ALA A 334 32.07 16.39 4.89
N THR A 335 32.58 15.95 3.75
CA THR A 335 33.06 16.88 2.72
C THR A 335 31.87 17.59 2.04
N VAL A 336 30.85 16.82 1.67
CA VAL A 336 29.66 17.40 1.05
C VAL A 336 29.11 18.47 1.98
N ARG A 337 29.03 18.13 3.27
CA ARG A 337 28.51 19.05 4.28
C ARG A 337 29.35 20.34 4.36
N ARG A 338 30.66 20.20 4.24
CA ARG A 338 31.54 21.37 4.30
C ARG A 338 31.36 22.20 3.02
N LEU A 339 31.22 21.52 1.90
CA LEU A 339 31.01 22.22 0.63
C LEU A 339 29.79 23.14 0.79
N TYR A 340 28.72 22.64 1.40
CA TYR A 340 27.49 23.42 1.61
C TYR A 340 27.68 24.66 2.45
N GLU A 341 28.30 24.51 3.62
CA GLU A 341 28.52 25.62 4.53
C GLU A 341 29.41 26.68 3.90
N GLU A 342 30.44 26.26 3.18
CA GLU A 342 31.34 27.21 2.53
C GLU A 342 30.64 27.99 1.43
N ALA A 343 29.62 27.37 0.81
CA ALA A 343 28.87 28.02 -0.26
C ALA A 343 27.78 28.89 0.35
N ASP A 344 27.76 28.95 1.67
CA ASP A 344 26.77 29.73 2.40
C ASP A 344 25.32 29.41 2.03
N LEU A 345 24.93 28.14 2.19
CA LEU A 345 23.55 27.76 1.89
C LEU A 345 22.74 28.26 3.06
N GLN A 346 23.43 28.43 4.20
CA GLN A 346 22.78 28.94 5.40
C GLN A 346 22.14 30.29 5.05
N GLY A 347 22.87 31.06 4.25
CA GLY A 347 22.36 32.36 3.84
C GLY A 347 21.24 32.31 2.81
N ASP A 348 21.29 31.36 1.90
CA ASP A 348 20.23 31.28 0.90
C ASP A 348 18.96 30.83 1.59
N TYR A 349 19.09 29.90 2.52
CA TYR A 349 17.94 29.41 3.25
C TYR A 349 17.20 30.57 3.92
N VAL A 350 17.93 31.43 4.61
CA VAL A 350 17.32 32.58 5.28
C VAL A 350 16.58 33.48 4.29
N ALA A 351 17.17 33.70 3.12
CA ALA A 351 16.55 34.54 2.08
C ALA A 351 15.30 33.84 1.53
N TYR A 352 15.38 32.52 1.38
CA TYR A 352 14.25 31.73 0.90
C TYR A 352 13.13 31.84 1.92
N GLU A 353 13.46 31.57 3.19
CA GLU A 353 12.49 31.62 4.27
C GLU A 353 11.72 32.93 4.33
N ALA A 354 12.43 34.04 4.16
CA ALA A 354 11.84 35.38 4.21
C ALA A 354 10.92 35.63 3.03
N ALA A 355 11.26 35.09 1.87
CA ALA A 355 10.43 35.26 0.67
C ALA A 355 9.17 34.44 0.84
N VAL A 356 9.28 33.27 1.45
CA VAL A 356 8.14 32.40 1.70
C VAL A 356 7.23 33.08 2.71
N ALA A 357 7.83 33.55 3.82
CA ALA A 357 7.08 34.22 4.87
C ALA A 357 6.23 35.36 4.30
N GLU A 358 6.84 36.11 3.37
CA GLU A 358 6.17 37.21 2.71
C GLU A 358 4.92 36.74 1.96
N GLN A 359 5.09 35.79 1.03
CA GLN A 359 3.97 35.26 0.26
C GLN A 359 2.84 34.70 1.13
N VAL A 360 3.20 33.83 2.07
CA VAL A 360 2.21 33.24 2.96
C VAL A 360 1.36 34.37 3.54
N LYS A 361 2.04 35.40 4.04
CA LYS A 361 1.37 36.56 4.65
C LYS A 361 0.27 37.09 3.73
N GLU A 362 0.67 37.45 2.51
CA GLU A 362 -0.25 37.99 1.51
C GLU A 362 -1.41 37.06 1.16
N LEU A 363 -1.14 35.77 0.99
CA LEU A 363 -2.21 34.83 0.68
C LEU A 363 -3.15 34.68 1.87
N ILE A 364 -2.59 34.75 3.08
CA ILE A 364 -3.42 34.61 4.26
C ILE A 364 -4.41 35.76 4.37
N GLU A 365 -4.02 36.95 3.91
CA GLU A 365 -4.92 38.10 3.98
C GLU A 365 -6.01 37.99 2.92
N LYS A 366 -5.61 37.50 1.75
CA LYS A 366 -6.52 37.31 0.62
C LYS A 366 -7.59 36.31 1.03
N LEU A 367 -7.19 35.38 1.90
CA LEU A 367 -8.08 34.34 2.39
C LEU A 367 -9.00 34.94 3.45
N ARG A 368 -8.42 35.83 4.25
CA ARG A 368 -9.15 36.46 5.35
C ARG A 368 -10.36 37.29 4.89
N LEU A 369 -10.24 37.96 3.74
CA LEU A 369 -11.34 38.78 3.24
C LEU A 369 -12.71 38.12 3.34
N CYS A 370 -12.85 36.92 2.76
CA CYS A 370 -14.14 36.24 2.80
C CYS A 370 -14.18 34.99 3.70
N SER A 371 -13.05 34.65 4.31
CA SER A 371 -12.98 33.48 5.18
C SER A 371 -12.01 33.76 6.34
N PRO A 372 -12.41 34.64 7.27
CA PRO A 372 -11.60 35.02 8.43
C PRO A 372 -11.30 33.90 9.45
N GLY A 373 -12.30 33.08 9.76
CA GLY A 373 -12.10 32.00 10.71
C GLY A 373 -11.13 30.95 10.22
N PHE A 374 -11.25 30.62 8.94
CA PHE A 374 -10.37 29.63 8.32
C PHE A 374 -8.97 30.20 8.15
N ALA A 375 -8.89 31.48 7.84
CA ALA A 375 -7.61 32.15 7.64
C ALA A 375 -6.85 32.17 8.95
N ALA A 376 -7.59 32.25 10.05
CA ALA A 376 -6.99 32.26 11.37
C ALA A 376 -6.32 30.91 11.63
N SER A 377 -7.03 29.83 11.31
CA SER A 377 -6.51 28.48 11.53
C SER A 377 -5.30 28.21 10.65
N VAL A 378 -5.29 28.81 9.46
CA VAL A 378 -4.17 28.64 8.53
C VAL A 378 -2.98 29.39 9.11
N GLU A 379 -3.28 30.49 9.80
CA GLU A 379 -2.25 31.32 10.43
C GLU A 379 -1.60 30.50 11.54
N THR A 380 -2.42 29.82 12.32
CA THR A 380 -1.95 28.98 13.41
C THR A 380 -1.07 27.86 12.86
N LEU A 381 -1.49 27.30 11.72
CA LEU A 381 -0.76 26.23 11.05
C LEU A 381 0.62 26.71 10.60
N TRP A 382 0.67 27.92 10.05
CA TRP A 382 1.94 28.47 9.60
C TRP A 382 2.84 28.73 10.82
N GLY A 383 2.21 29.14 11.92
CA GLY A 383 2.94 29.37 13.15
C GLY A 383 3.63 28.13 13.70
N LYS A 384 3.16 26.94 13.29
CA LYS A 384 3.77 25.71 13.74
C LYS A 384 4.81 25.28 12.73
N THR A 385 4.91 26.03 11.63
CA THR A 385 5.85 25.72 10.56
C THR A 385 7.03 26.68 10.47
N TYR A 386 6.74 27.98 10.46
CA TYR A 386 7.75 29.02 10.36
C TYR A 386 8.82 28.86 11.41
N LYS A 387 10.06 28.66 10.97
CA LYS A 387 11.20 28.51 11.86
C LYS A 387 11.07 27.42 12.92
N ARG A 388 10.40 26.31 12.60
CA ARG A 388 10.28 25.23 13.57
C ARG A 388 11.70 24.69 13.83
N GLN A 389 11.87 23.97 14.93
CA GLN A 389 13.19 23.45 15.31
C GLN A 389 13.35 21.92 15.24
N LYS A 390 12.39 21.21 15.83
CA LYS A 390 12.40 19.74 15.90
C LYS A 390 13.71 19.08 15.44
N MET B 24 -14.55 -13.48 -26.97
CA MET B 24 -15.36 -12.26 -26.72
C MET B 24 -15.05 -11.66 -25.35
N PRO B 25 -15.10 -12.49 -24.29
CA PRO B 25 -14.80 -11.96 -22.95
C PRO B 25 -13.44 -11.27 -22.89
N MET B 26 -12.41 -11.95 -23.38
CA MET B 26 -11.06 -11.39 -23.37
C MET B 26 -10.89 -10.17 -24.26
N GLN B 27 -11.55 -10.15 -25.41
CA GLN B 27 -11.41 -9.01 -26.30
C GLN B 27 -11.92 -7.73 -25.64
N MET B 28 -13.13 -7.79 -25.10
CA MET B 28 -13.70 -6.63 -24.43
C MET B 28 -12.86 -6.19 -23.22
N PHE B 29 -12.41 -7.17 -22.45
CA PHE B 29 -11.61 -6.94 -21.25
C PHE B 29 -10.33 -6.17 -21.59
N MET B 30 -9.72 -6.50 -22.72
CA MET B 30 -8.49 -5.81 -23.12
C MET B 30 -8.76 -4.41 -23.67
N GLN B 31 -9.92 -4.20 -24.29
CA GLN B 31 -10.23 -2.87 -24.79
C GLN B 31 -10.38 -1.93 -23.58
N VAL B 32 -11.01 -2.41 -22.51
CA VAL B 32 -11.17 -1.57 -21.33
C VAL B 32 -9.82 -1.31 -20.67
N TYR B 33 -8.90 -2.26 -20.77
CA TYR B 33 -7.57 -2.08 -20.18
C TYR B 33 -6.86 -0.86 -20.78
N ASP B 34 -6.91 -0.73 -22.11
CA ASP B 34 -6.25 0.40 -22.77
C ASP B 34 -6.92 1.70 -22.39
N GLU B 35 -8.23 1.64 -22.24
CA GLU B 35 -9.02 2.81 -21.87
C GLU B 35 -8.61 3.29 -20.47
N ILE B 36 -8.39 2.32 -19.58
CA ILE B 36 -7.99 2.59 -18.22
C ILE B 36 -6.57 3.14 -18.22
N GLN B 37 -5.70 2.49 -18.98
CA GLN B 37 -4.31 2.93 -19.06
C GLN B 37 -4.22 4.36 -19.56
N MET B 38 -4.92 4.64 -20.66
CA MET B 38 -4.87 5.98 -21.24
C MET B 38 -5.33 7.05 -20.25
N PHE B 39 -6.43 6.77 -19.55
CA PHE B 39 -6.93 7.72 -18.59
C PHE B 39 -5.87 8.03 -17.54
N LEU B 40 -5.33 6.98 -16.91
CA LEU B 40 -4.33 7.14 -15.86
C LEU B 40 -3.06 7.83 -16.33
N LEU B 41 -2.49 7.35 -17.43
CA LEU B 41 -1.26 7.93 -17.94
C LEU B 41 -1.40 9.39 -18.36
N GLU B 42 -2.48 9.72 -19.08
CA GLU B 42 -2.68 11.10 -19.51
C GLU B 42 -2.96 12.01 -18.31
N GLU B 43 -3.70 11.52 -17.32
CA GLU B 43 -3.97 12.34 -16.15
C GLU B 43 -2.67 12.70 -15.44
N LEU B 44 -1.73 11.76 -15.42
CA LEU B 44 -0.44 11.99 -14.78
C LEU B 44 0.31 13.08 -15.53
N GLU B 45 0.22 13.04 -16.86
CA GLU B 45 0.90 14.04 -17.69
C GLU B 45 0.28 15.42 -17.50
N LEU B 46 -1.05 15.47 -17.54
CA LEU B 46 -1.78 16.73 -17.42
C LEU B 46 -1.86 17.39 -16.05
N LYS B 47 -2.12 16.59 -15.01
CA LYS B 47 -2.30 17.11 -13.66
C LYS B 47 -1.23 16.79 -12.61
N PHE B 48 -0.30 15.89 -12.93
CA PHE B 48 0.75 15.54 -11.97
C PHE B 48 2.12 15.98 -12.47
N ASP B 49 2.12 16.74 -13.56
CA ASP B 49 3.34 17.30 -14.12
C ASP B 49 4.38 16.23 -14.43
N MET B 50 3.93 15.07 -14.89
CA MET B 50 4.86 13.99 -15.18
C MET B 50 5.50 14.09 -16.55
N ASP B 51 6.79 13.78 -16.60
CA ASP B 51 7.54 13.82 -17.82
C ASP B 51 7.29 12.57 -18.67
N PRO B 52 7.68 12.60 -19.96
CA PRO B 52 7.50 11.48 -20.89
C PRO B 52 8.25 10.22 -20.43
N ASN B 53 9.44 10.42 -19.89
CA ASN B 53 10.27 9.32 -19.42
C ASN B 53 9.58 8.49 -18.32
N ARG B 54 9.06 9.17 -17.30
CA ARG B 54 8.39 8.45 -16.22
C ARG B 54 7.04 7.89 -16.64
N VAL B 55 6.35 8.57 -17.57
CA VAL B 55 5.08 8.07 -18.05
C VAL B 55 5.38 6.73 -18.71
N ARG B 56 6.44 6.70 -19.51
CA ARG B 56 6.87 5.51 -20.20
C ARG B 56 7.20 4.40 -19.20
N TYR B 57 7.91 4.76 -18.12
CA TYR B 57 8.26 3.79 -17.10
C TYR B 57 7.01 3.18 -16.47
N LEU B 58 6.05 4.04 -16.12
CA LEU B 58 4.81 3.58 -15.49
C LEU B 58 3.93 2.75 -16.43
N ARG B 59 4.02 3.01 -17.73
CA ARG B 59 3.26 2.25 -18.70
C ARG B 59 3.86 0.83 -18.76
N LYS B 60 5.18 0.75 -18.70
CA LYS B 60 5.89 -0.52 -18.72
C LYS B 60 5.60 -1.27 -17.42
N MET B 61 5.66 -0.56 -16.30
CA MET B 61 5.39 -1.15 -14.99
C MET B 61 3.98 -1.70 -14.95
N MET B 62 3.03 -0.94 -15.48
CA MET B 62 1.63 -1.35 -15.48
C MET B 62 1.42 -2.62 -16.30
N ASP B 63 1.94 -2.64 -17.52
CA ASP B 63 1.80 -3.79 -18.41
C ASP B 63 2.47 -5.06 -17.84
N THR B 64 3.64 -4.87 -17.25
CA THR B 64 4.42 -5.98 -16.71
C THR B 64 3.80 -6.60 -15.45
N THR B 65 3.27 -5.75 -14.58
CA THR B 65 2.67 -6.23 -13.34
C THR B 65 1.20 -6.65 -13.48
N CYS B 66 0.48 -6.05 -14.41
CA CYS B 66 -0.93 -6.36 -14.60
C CYS B 66 -1.29 -7.35 -15.72
N LEU B 67 -0.44 -7.47 -16.73
CA LEU B 67 -0.71 -8.37 -17.85
C LEU B 67 0.20 -9.59 -17.83
N GLY B 68 -0.28 -10.70 -18.39
CA GLY B 68 0.54 -11.90 -18.43
C GLY B 68 -0.13 -13.11 -17.81
N GLY B 69 -0.98 -12.87 -16.81
CA GLY B 69 -1.66 -13.96 -16.15
C GLY B 69 -2.82 -14.48 -16.99
N LYS B 70 -3.71 -15.23 -16.36
CA LYS B 70 -4.86 -15.80 -17.04
C LYS B 70 -6.11 -14.94 -16.84
N TYR B 71 -5.99 -13.89 -16.03
CA TYR B 71 -7.09 -12.97 -15.75
C TYR B 71 -8.35 -13.64 -15.24
N ASN B 72 -8.24 -14.73 -14.50
CA ASN B 72 -9.42 -15.42 -14.01
C ASN B 72 -10.23 -14.65 -12.99
N ARG B 73 -9.59 -13.76 -12.24
CA ARG B 73 -10.30 -12.97 -11.26
C ARG B 73 -11.11 -11.89 -11.98
N GLY B 74 -10.47 -11.23 -12.94
CA GLY B 74 -11.14 -10.18 -13.68
C GLY B 74 -12.22 -10.69 -14.61
N LEU B 75 -11.92 -11.75 -15.35
CA LEU B 75 -12.90 -12.32 -16.29
C LEU B 75 -14.14 -12.85 -15.59
N THR B 76 -13.97 -13.35 -14.36
CA THR B 76 -15.10 -13.86 -13.60
C THR B 76 -16.15 -12.77 -13.36
N VAL B 77 -15.70 -11.57 -13.06
CA VAL B 77 -16.62 -10.45 -12.82
C VAL B 77 -17.51 -10.27 -14.05
N ILE B 78 -16.89 -10.25 -15.22
CA ILE B 78 -17.61 -10.09 -16.48
C ILE B 78 -18.61 -11.22 -16.69
N ASP B 79 -18.17 -12.44 -16.40
CA ASP B 79 -19.02 -13.61 -16.59
C ASP B 79 -20.18 -13.66 -15.59
N VAL B 80 -19.92 -13.22 -14.36
CA VAL B 80 -20.97 -13.22 -13.36
C VAL B 80 -21.96 -12.12 -13.70
N ALA B 81 -21.46 -11.00 -14.22
CA ALA B 81 -22.31 -9.88 -14.58
C ALA B 81 -23.20 -10.24 -15.77
N GLU B 82 -22.59 -10.73 -16.84
CA GLU B 82 -23.37 -11.08 -18.01
C GLU B 82 -24.46 -12.09 -17.67
N SER B 83 -24.11 -13.09 -16.87
CA SER B 83 -25.04 -14.13 -16.50
C SER B 83 -26.22 -13.72 -15.61
N LEU B 84 -26.14 -12.54 -15.00
CA LEU B 84 -27.23 -12.07 -14.14
C LEU B 84 -28.05 -11.04 -14.92
N LEU B 85 -27.69 -10.89 -16.19
CA LEU B 85 -28.37 -9.96 -17.08
C LEU B 85 -29.71 -10.60 -17.49
N SER B 86 -30.73 -10.47 -16.64
CA SER B 86 -32.06 -11.03 -16.88
C SER B 86 -32.94 -10.73 -15.69
N LEU B 87 -32.28 -10.42 -14.57
CA LEU B 87 -32.97 -10.08 -13.32
C LEU B 87 -33.22 -8.57 -13.29
N ASP B 97 -32.58 -2.50 -26.93
CA ASP B 97 -31.72 -1.37 -27.25
C ASP B 97 -30.25 -1.66 -26.94
N GLY B 98 -30.01 -2.34 -25.80
CA GLY B 98 -28.67 -2.70 -25.40
C GLY B 98 -28.01 -1.83 -24.35
N ALA B 99 -28.51 -0.62 -24.15
CA ALA B 99 -27.95 0.31 -23.18
C ALA B 99 -27.47 -0.33 -21.87
N ARG B 100 -28.40 -0.96 -21.15
CA ARG B 100 -28.08 -1.61 -19.88
C ARG B 100 -26.94 -2.61 -19.99
N ARG B 101 -27.06 -3.53 -20.94
CA ARG B 101 -26.04 -4.56 -21.14
C ARG B 101 -24.67 -3.94 -21.37
N LYS B 102 -24.63 -2.88 -22.17
CA LYS B 102 -23.38 -2.20 -22.49
C LYS B 102 -22.78 -1.55 -21.22
N ARG B 103 -23.62 -0.92 -20.42
CA ARG B 103 -23.15 -0.29 -19.19
C ARG B 103 -22.71 -1.35 -18.18
N VAL B 104 -23.58 -2.31 -17.89
CA VAL B 104 -23.26 -3.35 -16.94
C VAL B 104 -21.97 -4.13 -17.29
N LEU B 105 -21.80 -4.48 -18.56
CA LEU B 105 -20.62 -5.23 -18.96
C LEU B 105 -19.35 -4.39 -18.89
N HIS B 106 -19.47 -3.09 -19.16
CA HIS B 106 -18.30 -2.22 -19.09
C HIS B 106 -17.94 -1.98 -17.63
N ASP B 107 -18.95 -1.82 -16.77
CA ASP B 107 -18.70 -1.62 -15.35
C ASP B 107 -18.01 -2.90 -14.86
N ALA B 108 -18.45 -4.04 -15.37
CA ALA B 108 -17.87 -5.32 -14.99
C ALA B 108 -16.39 -5.43 -15.33
N CYS B 109 -16.00 -4.95 -16.52
CA CYS B 109 -14.60 -4.98 -16.95
C CYS B 109 -13.77 -4.04 -16.08
N VAL B 110 -14.33 -2.90 -15.70
CA VAL B 110 -13.61 -1.97 -14.84
C VAL B 110 -13.33 -2.67 -13.50
N CYS B 111 -14.35 -3.29 -12.92
CA CYS B 111 -14.21 -3.99 -11.64
C CYS B 111 -13.22 -5.12 -11.77
N GLY B 112 -13.24 -5.78 -12.92
CA GLY B 112 -12.33 -6.87 -13.17
C GLY B 112 -10.91 -6.36 -13.05
N TRP B 113 -10.65 -5.18 -13.63
CA TRP B 113 -9.31 -4.62 -13.57
C TRP B 113 -8.95 -4.13 -12.17
N MET B 114 -9.94 -3.62 -11.45
CA MET B 114 -9.67 -3.17 -10.08
C MET B 114 -9.08 -4.35 -9.30
N ILE B 115 -9.67 -5.54 -9.47
CA ILE B 115 -9.21 -6.75 -8.79
C ILE B 115 -7.84 -7.20 -9.33
N GLU B 116 -7.67 -7.14 -10.65
CA GLU B 116 -6.40 -7.52 -11.27
C GLU B 116 -5.28 -6.57 -10.84
N PHE B 117 -5.60 -5.28 -10.69
CA PHE B 117 -4.61 -4.30 -10.26
C PHE B 117 -4.33 -4.48 -8.77
N LEU B 118 -5.35 -4.84 -8.01
CA LEU B 118 -5.17 -5.07 -6.57
C LEU B 118 -4.19 -6.24 -6.44
N GLN B 119 -4.47 -7.32 -7.17
CA GLN B 119 -3.60 -8.49 -7.13
C GLN B 119 -2.18 -8.12 -7.52
N ALA B 120 -2.06 -7.35 -8.61
CA ALA B 120 -0.77 -6.92 -9.12
C ALA B 120 0.04 -6.25 -8.03
N HIS B 121 -0.63 -5.41 -7.27
CA HIS B 121 -0.01 -4.71 -6.15
C HIS B 121 0.51 -5.70 -5.12
N TYR B 122 -0.35 -6.62 -4.69
CA TYR B 122 0.06 -7.60 -3.72
C TYR B 122 1.22 -8.47 -4.24
N LEU B 123 1.15 -8.86 -5.52
CA LEU B 123 2.19 -9.67 -6.14
C LEU B 123 3.55 -8.97 -6.13
N VAL B 124 3.57 -7.67 -6.42
CA VAL B 124 4.82 -6.92 -6.45
C VAL B 124 5.50 -6.93 -5.08
N GLU B 125 4.71 -6.66 -4.04
CA GLU B 125 5.23 -6.66 -2.68
C GLU B 125 5.55 -8.09 -2.21
N ASP B 126 4.64 -9.01 -2.50
CA ASP B 126 4.81 -10.41 -2.12
C ASP B 126 6.13 -10.98 -2.64
N ASP B 127 6.42 -10.73 -3.92
CA ASP B 127 7.65 -11.23 -4.50
C ASP B 127 8.84 -10.71 -3.72
N ILE B 128 8.78 -9.45 -3.30
CA ILE B 128 9.84 -8.83 -2.52
C ILE B 128 9.89 -9.54 -1.15
N MET B 129 8.73 -9.71 -0.54
CA MET B 129 8.61 -10.37 0.76
C MET B 129 9.01 -11.85 0.72
N ASP B 130 8.77 -12.52 -0.40
CA ASP B 130 9.08 -13.95 -0.53
C ASP B 130 10.43 -14.21 -1.20
N ASN B 131 11.11 -13.12 -1.58
CA ASN B 131 12.41 -13.20 -2.22
C ASN B 131 12.40 -14.05 -3.49
N SER B 132 11.32 -13.95 -4.25
CA SER B 132 11.17 -14.72 -5.49
C SER B 132 12.06 -14.16 -6.58
N VAL B 133 12.31 -14.98 -7.61
CA VAL B 133 13.16 -14.57 -8.71
C VAL B 133 12.37 -14.28 -9.99
N THR B 134 11.33 -15.07 -10.25
CA THR B 134 10.54 -14.87 -11.45
C THR B 134 9.05 -15.04 -11.18
N ARG B 135 8.26 -14.58 -12.15
CA ARG B 135 6.80 -14.70 -12.14
C ARG B 135 6.31 -14.61 -13.59
N ARG B 136 5.35 -15.45 -13.95
CA ARG B 136 4.82 -15.47 -15.31
C ARG B 136 5.93 -15.49 -16.37
N GLY B 137 6.94 -16.32 -16.15
CA GLY B 137 8.03 -16.45 -17.10
C GLY B 137 9.07 -15.34 -17.15
N LYS B 138 8.84 -14.26 -16.41
CA LYS B 138 9.80 -13.15 -16.41
C LYS B 138 10.32 -12.85 -15.02
N PRO B 139 11.33 -11.98 -14.92
CA PRO B 139 11.85 -11.66 -13.60
C PRO B 139 10.76 -10.93 -12.82
N CYS B 140 10.78 -11.07 -11.50
CA CYS B 140 9.81 -10.39 -10.66
C CYS B 140 10.06 -8.91 -10.89
N TRP B 141 9.05 -8.07 -10.66
CA TRP B 141 9.23 -6.64 -10.88
C TRP B 141 10.47 -6.05 -10.20
N TYR B 142 10.67 -6.35 -8.91
CA TYR B 142 11.80 -5.81 -8.16
C TYR B 142 13.16 -6.43 -8.55
N ARG B 143 13.15 -7.42 -9.44
CA ARG B 143 14.39 -8.03 -9.88
C ARG B 143 14.72 -7.61 -11.30
N HIS B 144 13.95 -6.66 -11.85
CA HIS B 144 14.21 -6.15 -13.18
C HIS B 144 15.46 -5.29 -13.09
N PRO B 145 16.30 -5.32 -14.13
CA PRO B 145 17.55 -4.54 -14.17
C PRO B 145 17.45 -3.06 -13.80
N ASP B 146 16.54 -2.31 -14.42
CA ASP B 146 16.41 -0.87 -14.12
C ASP B 146 15.39 -0.59 -13.03
N VAL B 147 14.99 -1.61 -12.28
CA VAL B 147 14.02 -1.39 -11.21
C VAL B 147 14.68 -1.60 -9.86
N THR B 148 14.81 -0.54 -9.08
CA THR B 148 15.42 -0.66 -7.76
C THR B 148 14.39 -1.28 -6.82
N VAL B 149 14.86 -1.94 -5.77
CA VAL B 149 13.93 -2.55 -4.83
C VAL B 149 13.15 -1.45 -4.12
N GLN B 150 13.83 -0.34 -3.83
CA GLN B 150 13.16 0.77 -3.16
C GLN B 150 12.05 1.37 -4.03
N CYS B 151 12.28 1.46 -5.34
CA CYS B 151 11.27 2.00 -6.22
C CYS B 151 10.16 0.97 -6.41
N ALA B 152 10.55 -0.30 -6.46
CA ALA B 152 9.57 -1.37 -6.64
C ALA B 152 8.50 -1.32 -5.55
N ILE B 153 8.93 -1.08 -4.32
CA ILE B 153 8.00 -1.00 -3.20
C ILE B 153 6.96 0.09 -3.43
N ASN B 154 7.42 1.24 -3.93
CA ASN B 154 6.50 2.33 -4.19
C ASN B 154 5.64 2.08 -5.42
N ASP B 155 6.20 1.40 -6.42
CA ASP B 155 5.44 1.08 -7.63
C ASP B 155 4.28 0.19 -7.19
N GLY B 156 4.56 -0.69 -6.24
CA GLY B 156 3.52 -1.55 -5.72
C GLY B 156 2.40 -0.68 -5.21
N LEU B 157 2.74 0.36 -4.44
CA LEU B 157 1.74 1.29 -3.89
C LEU B 157 0.94 1.98 -5.00
N LEU B 158 1.62 2.36 -6.07
CA LEU B 158 0.94 3.00 -7.20
C LEU B 158 -0.13 2.07 -7.77
N LEU B 159 0.20 0.79 -7.92
CA LEU B 159 -0.75 -0.20 -8.45
C LEU B 159 -2.07 -0.18 -7.66
N LYS B 160 -2.00 -0.08 -6.34
CA LYS B 160 -3.21 -0.06 -5.52
C LYS B 160 -3.95 1.26 -5.61
N SER B 161 -3.20 2.35 -5.69
CA SER B 161 -3.82 3.67 -5.81
C SER B 161 -4.60 3.75 -7.10
N TRP B 162 -4.13 3.07 -8.13
CA TRP B 162 -4.81 3.10 -9.41
C TRP B 162 -6.19 2.47 -9.35
N THR B 163 -6.39 1.50 -8.46
CA THR B 163 -7.69 0.85 -8.34
C THR B 163 -8.68 1.90 -7.88
N HIS B 164 -8.27 2.76 -6.98
CA HIS B 164 -9.17 3.80 -6.51
C HIS B 164 -9.38 4.87 -7.55
N MET B 165 -8.33 5.22 -8.28
CA MET B 165 -8.44 6.24 -9.33
C MET B 165 -9.40 5.80 -10.45
N MET B 166 -9.28 4.56 -10.90
CA MET B 166 -10.17 4.11 -11.98
C MET B 166 -11.60 3.97 -11.49
N ALA B 167 -11.75 3.58 -10.22
CA ALA B 167 -13.05 3.40 -9.60
C ALA B 167 -13.84 4.71 -9.60
N MET B 168 -13.21 5.77 -9.12
CA MET B 168 -13.84 7.09 -9.06
C MET B 168 -14.14 7.61 -10.45
N HIS B 169 -13.18 7.46 -11.36
CA HIS B 169 -13.35 7.93 -12.73
C HIS B 169 -14.57 7.32 -13.46
N PHE B 170 -14.82 6.03 -13.26
CA PHE B 170 -15.93 5.35 -13.92
C PHE B 170 -17.22 5.22 -13.11
N PHE B 171 -17.12 5.16 -11.78
CA PHE B 171 -18.32 4.96 -10.95
C PHE B 171 -18.77 6.10 -10.04
N ALA B 172 -18.19 7.28 -10.19
CA ALA B 172 -18.55 8.41 -9.33
C ALA B 172 -20.07 8.65 -9.25
N ASP B 173 -20.78 8.40 -10.34
CA ASP B 173 -22.22 8.63 -10.36
C ASP B 173 -23.11 7.43 -10.09
N ARG B 174 -22.51 6.25 -9.95
CA ARG B 174 -23.24 5.02 -9.68
C ARG B 174 -23.73 4.96 -8.24
N PRO B 175 -24.97 4.53 -8.02
CA PRO B 175 -25.55 4.42 -6.67
C PRO B 175 -24.86 3.37 -5.81
N PHE B 176 -24.33 2.34 -6.46
CA PHE B 176 -23.64 1.27 -5.73
C PHE B 176 -22.20 1.64 -5.35
N LEU B 177 -21.73 2.81 -5.75
CA LEU B 177 -20.37 3.23 -5.45
C LEU B 177 -19.90 2.89 -4.04
N GLN B 178 -20.56 3.46 -3.03
CA GLN B 178 -20.17 3.22 -1.65
C GLN B 178 -20.09 1.75 -1.25
N ASP B 179 -21.14 0.97 -1.54
CA ASP B 179 -21.17 -0.44 -1.18
C ASP B 179 -20.08 -1.19 -1.94
N LEU B 180 -19.86 -0.82 -3.19
CA LEU B 180 -18.85 -1.47 -4.00
C LEU B 180 -17.47 -1.28 -3.40
N LEU B 181 -17.10 -0.03 -3.14
CA LEU B 181 -15.80 0.30 -2.57
C LEU B 181 -15.67 -0.14 -1.13
N CYS B 182 -16.77 -0.16 -0.38
CA CYS B 182 -16.73 -0.61 1.01
C CYS B 182 -16.32 -2.08 1.03
N ARG B 183 -16.82 -2.85 0.06
CA ARG B 183 -16.49 -4.27 -0.02
C ARG B 183 -15.06 -4.48 -0.56
N PHE B 184 -14.70 -3.73 -1.59
CA PHE B 184 -13.37 -3.81 -2.18
C PHE B 184 -12.32 -3.58 -1.10
N ASN B 185 -12.49 -2.51 -0.33
CA ASN B 185 -11.55 -2.18 0.73
C ASN B 185 -11.48 -3.23 1.84
N ARG B 186 -12.60 -3.83 2.20
CA ARG B 186 -12.57 -4.86 3.24
C ARG B 186 -11.73 -6.06 2.77
N VAL B 187 -11.88 -6.42 1.50
CA VAL B 187 -11.11 -7.54 0.94
C VAL B 187 -9.63 -7.16 0.84
N ASP B 188 -9.36 -5.91 0.48
CA ASP B 188 -7.98 -5.43 0.39
C ASP B 188 -7.40 -5.70 1.77
N TYR B 189 -8.13 -5.22 2.78
CA TYR B 189 -7.73 -5.40 4.17
C TYR B 189 -7.55 -6.86 4.59
N THR B 190 -8.46 -7.76 4.20
CA THR B 190 -8.31 -9.16 4.60
C THR B 190 -7.08 -9.81 3.97
N THR B 191 -6.70 -9.34 2.77
CA THR B 191 -5.55 -9.91 2.09
C THR B 191 -4.25 -9.54 2.82
N ALA B 192 -4.19 -8.29 3.29
CA ALA B 192 -3.03 -7.81 4.01
C ALA B 192 -2.91 -8.59 5.32
N VAL B 193 -4.05 -8.88 5.93
CA VAL B 193 -4.11 -9.64 7.19
C VAL B 193 -3.59 -11.07 6.94
N GLY B 194 -3.99 -11.65 5.82
CA GLY B 194 -3.54 -13.00 5.49
C GLY B 194 -2.04 -13.04 5.23
N GLN B 195 -1.52 -11.96 4.62
CA GLN B 195 -0.10 -11.85 4.34
C GLN B 195 0.67 -11.79 5.66
N LEU B 196 0.04 -11.20 6.67
CA LEU B 196 0.64 -11.12 8.00
C LEU B 196 0.77 -12.56 8.52
N TYR B 197 -0.32 -13.31 8.40
CA TYR B 197 -0.34 -14.70 8.84
C TYR B 197 0.68 -15.55 8.08
N ASP B 198 0.86 -15.24 6.81
CA ASP B 198 1.80 -15.97 5.95
C ASP B 198 3.28 -15.75 6.32
N VAL B 199 3.68 -14.50 6.51
CA VAL B 199 5.06 -14.16 6.82
C VAL B 199 5.47 -14.40 8.26
N THR B 200 4.51 -14.61 9.16
CA THR B 200 4.84 -14.86 10.56
C THR B 200 4.50 -16.29 10.95
N SER B 201 4.29 -17.15 9.97
CA SER B 201 3.89 -18.53 10.23
C SER B 201 5.03 -19.43 10.68
N MET B 202 6.25 -19.10 10.29
CA MET B 202 7.42 -19.90 10.65
C MET B 202 8.14 -19.37 11.88
N PHE B 203 7.49 -18.47 12.62
CA PHE B 203 8.06 -17.89 13.85
C PHE B 203 7.14 -18.23 15.01
N ASP B 204 7.71 -18.68 16.13
CA ASP B 204 6.92 -19.03 17.31
C ASP B 204 6.14 -17.79 17.73
N SER B 205 4.81 -17.82 17.52
CA SER B 205 3.97 -16.67 17.83
C SER B 205 4.03 -16.22 19.29
N ASN B 206 4.29 -17.18 20.19
CA ASN B 206 4.39 -16.88 21.62
C ASN B 206 5.58 -15.96 21.87
N LYS B 207 6.59 -16.04 21.00
CA LYS B 207 7.76 -15.20 21.15
C LYS B 207 7.71 -13.96 20.25
N LEU B 208 6.62 -13.80 19.50
CA LEU B 208 6.45 -12.65 18.61
C LEU B 208 6.56 -11.34 19.39
N ASP B 209 7.68 -10.64 19.24
CA ASP B 209 7.89 -9.37 19.97
C ASP B 209 8.81 -8.45 19.16
N PRO B 210 8.27 -7.35 18.62
CA PRO B 210 9.03 -6.38 17.83
C PRO B 210 10.43 -6.03 18.37
N ASP B 211 10.55 -5.93 19.70
CA ASP B 211 11.82 -5.57 20.34
C ASP B 211 12.88 -6.65 20.53
N VAL B 212 12.53 -7.90 20.28
CA VAL B 212 13.48 -8.98 20.47
C VAL B 212 13.48 -9.92 19.27
N SER B 213 14.63 -10.15 18.66
CA SER B 213 14.71 -11.04 17.51
C SER B 213 14.50 -12.50 17.90
N GLN B 214 14.20 -13.34 16.90
CA GLN B 214 13.95 -14.76 17.14
C GLN B 214 14.19 -15.48 15.82
N PRO B 215 14.71 -16.72 15.86
CA PRO B 215 14.94 -17.40 14.59
C PRO B 215 13.69 -18.18 14.16
N THR B 216 13.79 -18.79 12.98
CA THR B 216 12.71 -19.59 12.43
C THR B 216 12.43 -20.69 13.43
N THR B 217 11.16 -21.06 13.57
CA THR B 217 10.79 -22.09 14.51
C THR B 217 11.60 -23.33 14.21
N THR B 218 11.98 -24.07 15.25
CA THR B 218 12.77 -25.29 15.07
C THR B 218 12.00 -26.53 15.46
N ASP B 219 10.86 -26.33 16.13
CA ASP B 219 10.01 -27.45 16.55
C ASP B 219 8.75 -27.50 15.67
N PHE B 220 8.55 -26.46 14.86
CA PHE B 220 7.42 -26.37 13.93
C PHE B 220 6.07 -26.73 14.54
N ALA B 221 5.91 -26.50 15.84
CA ALA B 221 4.66 -26.85 16.52
C ALA B 221 3.41 -26.16 15.96
N GLU B 222 3.58 -25.03 15.30
CA GLU B 222 2.44 -24.31 14.76
C GLU B 222 2.09 -24.66 13.29
N PHE B 223 2.89 -25.53 12.68
CA PHE B 223 2.63 -25.96 11.32
C PHE B 223 1.48 -26.99 11.38
N THR B 224 0.28 -26.50 11.70
CA THR B 224 -0.91 -27.33 11.81
C THR B 224 -1.92 -26.96 10.72
N LEU B 225 -2.80 -27.91 10.38
CA LEU B 225 -3.80 -27.65 9.35
C LEU B 225 -4.71 -26.47 9.74
N SER B 226 -5.02 -26.35 11.03
CA SER B 226 -5.87 -25.24 11.47
C SER B 226 -5.22 -23.91 11.09
N ASN B 227 -3.94 -23.77 11.43
CA ASN B 227 -3.22 -22.54 11.13
C ASN B 227 -3.10 -22.33 9.63
N TYR B 228 -2.89 -23.42 8.89
CA TYR B 228 -2.78 -23.31 7.44
C TYR B 228 -4.08 -22.79 6.81
N LYS B 229 -5.22 -23.34 7.22
CA LYS B 229 -6.50 -22.90 6.67
C LYS B 229 -6.75 -21.42 6.93
N ARG B 230 -6.34 -20.94 8.11
CA ARG B 230 -6.52 -19.52 8.41
C ARG B 230 -5.67 -18.65 7.47
N ILE B 231 -4.41 -19.02 7.27
CA ILE B 231 -3.53 -18.26 6.39
C ILE B 231 -4.12 -18.13 4.98
N VAL B 232 -4.47 -19.27 4.40
CA VAL B 232 -5.00 -19.38 3.04
C VAL B 232 -6.35 -18.67 2.84
N LYS B 233 -7.24 -18.83 3.81
CA LYS B 233 -8.54 -18.20 3.74
C LYS B 233 -8.40 -16.68 3.52
N TYR B 234 -7.64 -16.03 4.38
CA TYR B 234 -7.47 -14.59 4.33
C TYR B 234 -6.52 -14.02 3.27
N LYS B 235 -5.43 -14.70 2.97
CA LYS B 235 -4.49 -14.20 1.98
C LYS B 235 -4.93 -14.51 0.53
N THR B 236 -5.78 -15.52 0.34
CA THR B 236 -6.18 -15.90 -1.02
C THR B 236 -7.68 -16.02 -1.32
N ALA B 237 -8.39 -16.79 -0.51
CA ALA B 237 -9.82 -17.02 -0.72
C ALA B 237 -10.67 -15.79 -0.97
N TYR B 238 -10.54 -14.80 -0.10
CA TYR B 238 -11.33 -13.58 -0.22
C TYR B 238 -11.19 -12.80 -1.52
N TYR B 239 -9.98 -12.40 -1.86
CA TYR B 239 -9.75 -11.61 -3.08
C TYR B 239 -9.73 -12.40 -4.39
N THR B 240 -9.52 -13.70 -4.30
CA THR B 240 -9.45 -14.53 -5.49
C THR B 240 -10.80 -15.13 -5.89
N TYR B 241 -11.63 -15.48 -4.92
CA TYR B 241 -12.94 -16.05 -5.22
C TYR B 241 -14.15 -15.21 -4.81
N LEU B 242 -14.20 -14.76 -3.57
CA LEU B 242 -15.37 -13.98 -3.16
C LEU B 242 -15.52 -12.63 -3.87
N LEU B 243 -14.46 -11.83 -3.90
CA LEU B 243 -14.52 -10.50 -4.51
C LEU B 243 -14.97 -10.50 -5.98
N PRO B 244 -14.46 -11.43 -6.81
CA PRO B 244 -14.92 -11.40 -8.21
C PRO B 244 -16.43 -11.64 -8.29
N LEU B 245 -16.92 -12.59 -7.49
CA LEU B 245 -18.35 -12.90 -7.48
C LEU B 245 -19.17 -11.71 -6.96
N VAL B 246 -18.77 -11.15 -5.83
CA VAL B 246 -19.48 -10.03 -5.25
C VAL B 246 -19.51 -8.81 -6.19
N MET B 247 -18.37 -8.44 -6.75
CA MET B 247 -18.35 -7.30 -7.66
C MET B 247 -19.23 -7.55 -8.87
N GLY B 248 -19.26 -8.79 -9.34
CA GLY B 248 -20.10 -9.13 -10.48
C GLY B 248 -21.56 -8.93 -10.15
N LEU B 249 -21.95 -9.34 -8.94
CA LEU B 249 -23.33 -9.20 -8.50
C LEU B 249 -23.73 -7.74 -8.31
N ILE B 250 -22.79 -6.94 -7.82
CA ILE B 250 -23.04 -5.53 -7.59
C ILE B 250 -23.28 -4.72 -8.87
N VAL B 251 -22.37 -4.80 -9.84
CA VAL B 251 -22.56 -4.05 -11.09
C VAL B 251 -23.81 -4.53 -11.83
N SER B 252 -24.25 -5.75 -11.53
CA SER B 252 -25.43 -6.37 -12.11
C SER B 252 -26.66 -6.00 -11.30
N GLU B 253 -26.45 -5.35 -10.17
CA GLU B 253 -27.51 -4.96 -9.27
C GLU B 253 -28.37 -6.19 -8.94
N ALA B 254 -27.70 -7.26 -8.50
CA ALA B 254 -28.41 -8.49 -8.17
C ALA B 254 -27.83 -9.13 -6.91
N LEU B 255 -27.08 -8.35 -6.14
CA LEU B 255 -26.44 -8.87 -4.94
C LEU B 255 -27.39 -9.64 -4.02
N PRO B 256 -28.55 -9.05 -3.67
CA PRO B 256 -29.53 -9.70 -2.79
C PRO B 256 -30.23 -10.93 -3.36
N THR B 257 -30.05 -11.22 -4.64
CA THR B 257 -30.72 -12.37 -5.23
C THR B 257 -30.04 -13.72 -4.98
N VAL B 258 -28.92 -13.71 -4.28
CA VAL B 258 -28.17 -14.93 -4.00
C VAL B 258 -28.04 -15.22 -2.51
N ASP B 259 -27.89 -16.48 -2.15
CA ASP B 259 -27.71 -16.83 -0.75
C ASP B 259 -26.25 -16.52 -0.46
N MET B 260 -25.99 -15.44 0.28
CA MET B 260 -24.61 -15.05 0.57
C MET B 260 -23.87 -16.03 1.49
N GLY B 261 -24.61 -16.70 2.37
CA GLY B 261 -23.98 -17.66 3.26
C GLY B 261 -23.40 -18.82 2.48
N VAL B 262 -24.13 -19.27 1.46
CA VAL B 262 -23.66 -20.37 0.62
C VAL B 262 -22.54 -19.87 -0.29
N THR B 263 -22.71 -18.69 -0.88
CA THR B 263 -21.70 -18.12 -1.77
C THR B 263 -20.35 -17.99 -1.05
N GLU B 264 -20.37 -17.50 0.19
CA GLU B 264 -19.14 -17.35 0.95
C GLU B 264 -18.51 -18.72 1.26
N GLU B 265 -19.35 -19.70 1.57
CA GLU B 265 -18.85 -21.05 1.85
C GLU B 265 -18.12 -21.53 0.62
N LEU B 266 -18.79 -21.42 -0.52
CA LEU B 266 -18.21 -21.81 -1.81
C LEU B 266 -16.90 -21.12 -2.12
N ALA B 267 -16.87 -19.80 -1.93
CA ALA B 267 -15.69 -19.02 -2.20
C ALA B 267 -14.52 -19.43 -1.31
N MET B 268 -14.82 -19.68 -0.05
CA MET B 268 -13.79 -20.07 0.91
C MET B 268 -13.20 -21.42 0.60
N LEU B 269 -14.05 -22.38 0.28
CA LEU B 269 -13.60 -23.71 -0.06
C LEU B 269 -12.78 -23.67 -1.36
N MET B 270 -13.34 -23.10 -2.42
CA MET B 270 -12.60 -23.00 -3.67
C MET B 270 -11.29 -22.24 -3.50
N GLY B 271 -11.30 -21.25 -2.61
CA GLY B 271 -10.11 -20.45 -2.36
C GLY B 271 -9.00 -21.24 -1.71
N GLU B 272 -9.35 -22.05 -0.71
CA GLU B 272 -8.37 -22.88 -0.01
C GLU B 272 -7.76 -23.85 -1.00
N TYR B 273 -8.63 -24.53 -1.74
CA TYR B 273 -8.21 -25.51 -2.76
C TYR B 273 -7.24 -24.91 -3.77
N PHE B 274 -7.50 -23.67 -4.17
CA PHE B 274 -6.65 -22.96 -5.12
C PHE B 274 -5.24 -22.74 -4.52
N GLN B 275 -5.17 -22.36 -3.25
CA GLN B 275 -3.87 -22.13 -2.62
C GLN B 275 -3.13 -23.44 -2.40
N VAL B 276 -3.88 -24.52 -2.17
CA VAL B 276 -3.29 -25.84 -1.99
C VAL B 276 -2.61 -26.19 -3.30
N GLN B 277 -3.33 -26.03 -4.41
CA GLN B 277 -2.77 -26.29 -5.72
C GLN B 277 -1.52 -25.42 -5.89
N ASP B 278 -1.61 -24.15 -5.48
CA ASP B 278 -0.48 -23.24 -5.57
C ASP B 278 0.73 -23.76 -4.79
N ASP B 279 0.47 -24.30 -3.60
CA ASP B 279 1.54 -24.85 -2.78
C ASP B 279 2.11 -26.11 -3.43
N VAL B 280 1.25 -27.00 -3.91
CA VAL B 280 1.73 -28.23 -4.53
C VAL B 280 2.59 -27.96 -5.76
N MET B 281 2.10 -27.09 -6.63
CA MET B 281 2.82 -26.76 -7.86
C MET B 281 4.17 -26.13 -7.54
N ASP B 282 4.19 -25.33 -6.48
CA ASP B 282 5.39 -24.65 -6.09
C ASP B 282 6.51 -25.66 -5.89
N CYS B 283 6.15 -26.82 -5.35
CA CYS B 283 7.11 -27.87 -5.08
C CYS B 283 7.29 -28.88 -6.21
N PHE B 284 6.20 -29.30 -6.84
CA PHE B 284 6.34 -30.33 -7.88
C PHE B 284 6.18 -29.95 -9.35
N THR B 285 5.65 -28.77 -9.66
CA THR B 285 5.49 -28.39 -11.05
C THR B 285 6.76 -27.70 -11.56
N PRO B 286 7.25 -28.10 -12.75
CA PRO B 286 8.46 -27.50 -13.30
C PRO B 286 8.22 -26.01 -13.57
N PRO B 287 9.18 -25.14 -13.18
CA PRO B 287 9.06 -23.69 -13.37
C PRO B 287 8.87 -23.28 -14.82
N GLU B 288 9.19 -24.20 -15.74
CA GLU B 288 9.04 -23.92 -17.16
C GLU B 288 7.57 -23.66 -17.45
N ARG B 289 6.71 -24.50 -16.89
CA ARG B 289 5.27 -24.38 -17.09
C ARG B 289 4.62 -23.53 -16.01
N LEU B 290 5.21 -23.52 -14.83
CA LEU B 290 4.64 -22.75 -13.73
C LEU B 290 4.87 -21.27 -13.99
N GLY B 291 6.03 -20.94 -14.54
CA GLY B 291 6.35 -19.54 -14.82
C GLY B 291 6.99 -18.84 -13.64
N LYS B 292 7.10 -19.56 -12.52
CA LYS B 292 7.72 -18.97 -11.34
C LYS B 292 8.48 -20.05 -10.57
N VAL B 293 9.65 -19.70 -10.06
CA VAL B 293 10.46 -20.63 -9.29
C VAL B 293 9.99 -20.65 -7.84
N GLY B 294 9.73 -21.86 -7.31
CA GLY B 294 9.27 -21.99 -5.94
C GLY B 294 10.26 -21.57 -4.87
N THR B 295 9.74 -20.97 -3.81
CA THR B 295 10.58 -20.50 -2.68
C THR B 295 9.98 -20.92 -1.33
N ASP B 296 8.91 -21.71 -1.38
CA ASP B 296 8.21 -22.14 -0.17
C ASP B 296 9.06 -22.88 0.85
N ILE B 297 9.87 -23.84 0.39
CA ILE B 297 10.73 -24.60 1.29
C ILE B 297 11.85 -23.68 1.78
N GLN B 298 12.47 -23.01 0.84
CA GLN B 298 13.55 -22.07 1.12
C GLN B 298 13.09 -21.06 2.17
N ASP B 299 11.87 -20.56 2.00
CA ASP B 299 11.31 -19.57 2.90
C ASP B 299 10.68 -20.19 4.14
N ALA B 300 10.82 -21.51 4.30
CA ALA B 300 10.25 -22.21 5.46
C ALA B 300 8.77 -21.88 5.62
N LYS B 301 8.04 -21.83 4.51
CA LYS B 301 6.62 -21.49 4.51
C LYS B 301 5.73 -22.58 5.11
N CYS B 302 4.63 -22.17 5.73
CA CYS B 302 3.69 -23.12 6.31
C CYS B 302 2.75 -23.53 5.18
N SER B 303 3.28 -24.33 4.26
CA SER B 303 2.52 -24.78 3.10
C SER B 303 1.64 -25.99 3.41
N TRP B 304 0.79 -26.36 2.45
CA TRP B 304 -0.11 -27.51 2.61
C TRP B 304 0.72 -28.81 2.74
N LEU B 305 1.78 -28.93 1.93
CA LEU B 305 2.64 -30.10 1.96
C LEU B 305 3.33 -30.22 3.32
N ALA B 306 3.79 -29.10 3.87
CA ALA B 306 4.46 -29.09 5.16
C ALA B 306 3.55 -29.51 6.31
N VAL B 307 2.36 -28.93 6.40
CA VAL B 307 1.46 -29.29 7.49
C VAL B 307 0.93 -30.71 7.32
N THR B 308 0.55 -31.10 6.10
CA THR B 308 0.03 -32.44 5.86
C THR B 308 1.12 -33.49 6.14
N PHE B 309 2.35 -33.18 5.77
CA PHE B 309 3.47 -34.08 6.02
C PHE B 309 3.72 -34.24 7.51
N LEU B 310 3.91 -33.12 8.20
CA LEU B 310 4.17 -33.15 9.62
C LEU B 310 3.09 -33.83 10.46
N ALA B 311 1.85 -33.78 10.00
CA ALA B 311 0.73 -34.39 10.71
C ALA B 311 0.72 -35.93 10.64
N LYS B 312 1.32 -36.48 9.58
CA LYS B 312 1.37 -37.92 9.39
C LYS B 312 2.78 -38.50 9.55
N ALA B 313 3.78 -37.63 9.62
CA ALA B 313 5.16 -38.07 9.73
C ALA B 313 5.51 -38.83 11.01
N SER B 314 6.41 -39.80 10.86
CA SER B 314 6.89 -40.58 11.99
C SER B 314 7.92 -39.70 12.68
N SER B 315 8.49 -40.19 13.79
CA SER B 315 9.51 -39.42 14.51
C SER B 315 10.78 -39.24 13.69
N ALA B 316 11.14 -40.25 12.91
CA ALA B 316 12.33 -40.21 12.07
C ALA B 316 12.14 -39.19 10.94
N GLN B 317 11.01 -39.26 10.26
CA GLN B 317 10.70 -38.34 9.17
C GLN B 317 10.70 -36.89 9.66
N VAL B 318 10.11 -36.65 10.81
CA VAL B 318 10.06 -35.29 11.33
C VAL B 318 11.46 -34.75 11.61
N ALA B 319 12.33 -35.61 12.15
CA ALA B 319 13.68 -35.17 12.46
C ALA B 319 14.44 -34.75 11.21
N GLU B 320 14.40 -35.58 10.18
CA GLU B 320 15.08 -35.30 8.93
C GLU B 320 14.49 -34.05 8.28
N PHE B 321 13.18 -33.88 8.44
CA PHE B 321 12.51 -32.71 7.89
C PHE B 321 13.13 -31.47 8.54
N LYS B 322 12.98 -31.37 9.86
CA LYS B 322 13.50 -30.25 10.65
C LYS B 322 14.93 -29.86 10.30
N ALA B 323 15.73 -30.82 9.85
CA ALA B 323 17.13 -30.56 9.52
C ALA B 323 17.39 -30.19 8.07
N ASN B 324 16.35 -30.09 7.27
CA ASN B 324 16.52 -29.73 5.86
C ASN B 324 15.63 -28.58 5.39
N TYR B 325 14.53 -28.34 6.10
CA TYR B 325 13.59 -27.29 5.75
C TYR B 325 14.06 -25.86 6.10
N GLY B 326 13.77 -24.92 5.22
CA GLY B 326 14.14 -23.53 5.48
C GLY B 326 15.57 -23.17 5.14
N SER B 327 16.15 -23.90 4.20
CA SER B 327 17.53 -23.64 3.80
C SER B 327 17.60 -23.52 2.30
N GLY B 328 18.51 -22.66 1.82
CA GLY B 328 18.66 -22.48 0.39
C GLY B 328 19.45 -23.61 -0.25
N ASP B 329 20.21 -24.31 0.57
CA ASP B 329 21.04 -25.44 0.14
C ASP B 329 20.24 -26.39 -0.75
N SER B 330 20.70 -26.61 -1.98
CA SER B 330 20.01 -27.45 -2.94
C SER B 330 19.72 -28.93 -2.60
N GLU B 331 20.61 -29.57 -1.85
CA GLU B 331 20.40 -30.98 -1.51
C GLU B 331 19.38 -31.11 -0.38
N LYS B 332 19.41 -30.16 0.53
CA LYS B 332 18.48 -30.16 1.66
C LYS B 332 17.06 -29.85 1.16
N VAL B 333 16.98 -29.16 0.03
CA VAL B 333 15.71 -28.82 -0.59
C VAL B 333 15.16 -30.03 -1.32
N ALA B 334 16.06 -30.84 -1.89
CA ALA B 334 15.63 -32.04 -2.62
C ALA B 334 15.30 -33.16 -1.66
N THR B 335 15.82 -33.06 -0.44
CA THR B 335 15.57 -34.05 0.61
C THR B 335 14.16 -33.83 1.18
N VAL B 336 13.79 -32.55 1.34
CA VAL B 336 12.46 -32.20 1.82
C VAL B 336 11.46 -32.64 0.73
N ARG B 337 11.87 -32.47 -0.52
CA ARG B 337 11.06 -32.84 -1.67
C ARG B 337 10.88 -34.36 -1.70
N ARG B 338 11.94 -35.10 -1.39
CA ARG B 338 11.84 -36.55 -1.39
C ARG B 338 10.92 -37.02 -0.28
N LEU B 339 11.11 -36.48 0.92
CA LEU B 339 10.27 -36.85 2.05
C LEU B 339 8.80 -36.80 1.65
N TYR B 340 8.35 -35.61 1.23
CA TYR B 340 6.96 -35.41 0.80
C TYR B 340 6.56 -36.54 -0.13
N GLU B 341 7.46 -36.83 -1.07
CA GLU B 341 7.26 -37.88 -2.06
C GLU B 341 7.09 -39.24 -1.41
N GLU B 342 7.90 -39.51 -0.40
CA GLU B 342 7.84 -40.80 0.28
C GLU B 342 6.60 -40.90 1.17
N ALA B 343 6.21 -39.79 1.79
CA ALA B 343 5.04 -39.81 2.66
C ALA B 343 3.76 -39.77 1.87
N ASP B 344 3.85 -40.01 0.56
CA ASP B 344 2.71 -40.04 -0.34
C ASP B 344 1.80 -38.81 -0.29
N LEU B 345 2.40 -37.62 -0.25
CA LEU B 345 1.61 -36.38 -0.22
C LEU B 345 0.81 -36.23 -1.51
N GLN B 346 1.30 -36.81 -2.60
CA GLN B 346 0.59 -36.72 -3.88
C GLN B 346 -0.70 -37.51 -3.76
N GLY B 347 -0.66 -38.57 -2.97
CA GLY B 347 -1.84 -39.38 -2.74
C GLY B 347 -2.80 -38.59 -1.86
N ASP B 348 -2.25 -37.87 -0.90
CA ASP B 348 -3.09 -37.09 0.01
C ASP B 348 -3.79 -35.97 -0.75
N TYR B 349 -3.09 -35.37 -1.68
CA TYR B 349 -3.66 -34.29 -2.46
C TYR B 349 -4.88 -34.78 -3.23
N VAL B 350 -4.74 -35.93 -3.87
CA VAL B 350 -5.84 -36.52 -4.65
C VAL B 350 -7.08 -36.73 -3.80
N ALA B 351 -6.89 -37.24 -2.59
CA ALA B 351 -7.99 -37.48 -1.68
C ALA B 351 -8.68 -36.17 -1.32
N TYR B 352 -7.88 -35.17 -0.97
CA TYR B 352 -8.39 -33.85 -0.60
C TYR B 352 -9.18 -33.22 -1.75
N GLU B 353 -8.59 -33.24 -2.94
CA GLU B 353 -9.19 -32.68 -4.14
C GLU B 353 -10.56 -33.27 -4.39
N ALA B 354 -10.70 -34.57 -4.14
CA ALA B 354 -11.97 -35.26 -4.34
C ALA B 354 -13.00 -34.83 -3.30
N ALA B 355 -12.54 -34.60 -2.06
CA ALA B 355 -13.45 -34.16 -1.00
C ALA B 355 -13.95 -32.74 -1.28
N VAL B 356 -13.06 -31.91 -1.82
CA VAL B 356 -13.42 -30.54 -2.16
C VAL B 356 -14.46 -30.57 -3.28
N ALA B 357 -14.16 -31.31 -4.34
CA ALA B 357 -15.04 -31.42 -5.50
C ALA B 357 -16.47 -31.80 -5.10
N GLU B 358 -16.61 -32.74 -4.17
CA GLU B 358 -17.97 -33.10 -3.77
C GLU B 358 -18.67 -32.01 -2.98
N GLN B 359 -17.95 -31.29 -2.12
CA GLN B 359 -18.59 -30.20 -1.36
C GLN B 359 -18.99 -29.09 -2.30
N VAL B 360 -18.07 -28.69 -3.18
CA VAL B 360 -18.35 -27.64 -4.15
C VAL B 360 -19.65 -28.01 -4.87
N LYS B 361 -19.72 -29.24 -5.37
CA LYS B 361 -20.90 -29.72 -6.08
C LYS B 361 -22.19 -29.58 -5.28
N GLU B 362 -22.19 -30.06 -4.05
CA GLU B 362 -23.38 -29.96 -3.22
C GLU B 362 -23.72 -28.49 -2.93
N LEU B 363 -22.70 -27.64 -2.88
CA LEU B 363 -22.93 -26.22 -2.63
C LEU B 363 -23.47 -25.49 -3.87
N ILE B 364 -22.93 -25.82 -5.05
CA ILE B 364 -23.40 -25.19 -6.26
C ILE B 364 -24.85 -25.59 -6.53
N GLU B 365 -25.20 -26.82 -6.15
CA GLU B 365 -26.57 -27.28 -6.33
C GLU B 365 -27.51 -26.52 -5.41
N LYS B 366 -27.03 -26.18 -4.22
CA LYS B 366 -27.87 -25.42 -3.27
C LYS B 366 -28.08 -24.04 -3.87
N LEU B 367 -27.00 -23.47 -4.43
CA LEU B 367 -27.09 -22.16 -5.04
C LEU B 367 -28.10 -22.15 -6.17
N ARG B 368 -28.01 -23.17 -7.03
CA ARG B 368 -28.85 -23.32 -8.21
C ARG B 368 -30.36 -23.31 -7.95
N LEU B 369 -30.78 -23.77 -6.78
CA LEU B 369 -32.20 -23.81 -6.48
C LEU B 369 -32.85 -22.43 -6.46
N CYS B 370 -32.07 -21.38 -6.19
CA CYS B 370 -32.62 -20.02 -6.15
C CYS B 370 -31.92 -19.06 -7.10
N SER B 371 -30.74 -19.45 -7.58
CA SER B 371 -29.94 -18.62 -8.47
C SER B 371 -29.33 -19.46 -9.58
N PRO B 372 -30.15 -19.92 -10.53
CA PRO B 372 -29.64 -20.75 -11.63
C PRO B 372 -28.56 -20.06 -12.47
N GLY B 373 -28.79 -18.80 -12.80
CA GLY B 373 -27.81 -18.07 -13.59
C GLY B 373 -26.49 -17.90 -12.85
N PHE B 374 -26.56 -17.48 -11.59
CA PHE B 374 -25.37 -17.30 -10.77
C PHE B 374 -24.63 -18.62 -10.57
N ALA B 375 -25.37 -19.67 -10.22
CA ALA B 375 -24.76 -20.98 -9.99
C ALA B 375 -23.97 -21.48 -11.21
N ALA B 376 -24.42 -21.11 -12.40
CA ALA B 376 -23.75 -21.54 -13.61
C ALA B 376 -22.44 -20.79 -13.80
N SER B 377 -22.39 -19.54 -13.38
CA SER B 377 -21.18 -18.74 -13.50
C SER B 377 -20.18 -19.28 -12.51
N VAL B 378 -20.68 -19.78 -11.38
CA VAL B 378 -19.83 -20.36 -10.35
C VAL B 378 -19.21 -21.66 -10.88
N GLU B 379 -20.01 -22.46 -11.58
CA GLU B 379 -19.55 -23.72 -12.17
C GLU B 379 -18.40 -23.44 -13.12
N THR B 380 -18.51 -22.36 -13.87
CA THR B 380 -17.48 -21.99 -14.82
C THR B 380 -16.18 -21.69 -14.09
N LEU B 381 -16.26 -20.90 -13.02
CA LEU B 381 -15.09 -20.56 -12.22
C LEU B 381 -14.47 -21.85 -11.67
N TRP B 382 -15.33 -22.78 -11.24
CA TRP B 382 -14.85 -24.04 -10.71
C TRP B 382 -14.12 -24.79 -11.83
N GLY B 383 -14.69 -24.73 -13.03
CA GLY B 383 -14.07 -25.38 -14.18
C GLY B 383 -12.67 -24.85 -14.45
N LYS B 384 -12.43 -23.59 -14.08
CA LYS B 384 -11.11 -23.00 -14.29
C LYS B 384 -10.17 -23.31 -13.13
N THR B 385 -10.72 -23.90 -12.07
CA THR B 385 -9.93 -24.22 -10.88
C THR B 385 -9.63 -25.72 -10.75
N TYR B 386 -10.66 -26.53 -10.87
CA TYR B 386 -10.53 -27.99 -10.74
C TYR B 386 -9.43 -28.55 -11.62
N LYS B 387 -8.42 -29.14 -11.00
CA LYS B 387 -7.31 -29.73 -11.74
C LYS B 387 -6.65 -28.75 -12.71
N ARG B 388 -6.54 -27.49 -12.28
CA ARG B 388 -5.89 -26.48 -13.11
C ARG B 388 -4.46 -26.97 -13.30
N GLN B 389 -3.84 -26.58 -14.41
CA GLN B 389 -2.48 -27.01 -14.71
C GLN B 389 -1.52 -25.86 -14.46
N LYS B 390 -2.05 -24.74 -14.03
CA LYS B 390 -1.22 -23.55 -13.80
C LYS B 390 -2.04 -22.48 -13.09
MG MG C . 12.90 9.39 4.68
MG MG D . 13.83 13.80 5.16
MG MG E . 12.05 9.41 1.25
C ACT F . 6.09 13.61 12.91
O ACT F . 4.99 13.05 12.39
OXT ACT F . 6.13 14.81 13.15
CH3 ACT F . 7.30 12.74 13.20
C1 NI9 G . 10.94 12.21 4.87
O1 NI9 G . 11.21 10.49 7.00
O2 NI9 G . 10.56 13.59 5.13
C2 NI9 G . 9.65 11.30 4.92
O3 NI9 G . 13.28 11.11 5.83
C3 NI9 G . 8.09 10.34 3.35
P1 NI9 G . 11.93 12.04 3.33
P2 NI9 G . 11.95 11.65 6.34
O4 NI9 G . 11.04 12.54 2.16
O5 NI9 G . 12.10 12.73 7.28
O6 NI9 G . 13.14 12.92 3.42
O7 NI9 G . 12.28 10.59 3.09
N NI9 G . 8.63 11.49 3.83
F NI9 G . 6.59 9.30 1.87
C4 NI9 G . 6.76 11.68 1.85
C5 NI9 G . 8.27 12.76 3.36
C6 NI9 G . 7.32 12.85 2.35
C7 NI9 G . 7.14 10.43 2.36
C1 BME H . -14.05 15.04 -6.09
C2 BME H . -12.90 15.27 -5.12
O1 BME H . -14.86 15.94 -5.93
S2 BME H . -11.68 13.95 -5.33
C1 MPD I . -5.24 15.75 -5.83
C2 MPD I . -5.92 17.09 -6.16
O2 MPD I . -6.15 16.99 -4.76
CM MPD I . -5.61 18.49 -5.58
C3 MPD I . -4.70 17.50 -7.06
C4 MPD I . -4.33 16.48 -8.17
O4 MPD I . -5.43 16.39 -9.07
C5 MPD I . -3.12 16.95 -8.95
MG MG J . 5.05 -15.33 -3.28
MG MG K . 2.61 -19.96 -4.07
MG MG L . 3.82 -14.95 -0.23
C ACT M . -2.44 -14.99 -12.50
O ACT M . -2.75 -16.13 -13.15
OXT ACT M . -1.28 -14.69 -12.31
CH3 ACT M . -3.52 -14.10 -12.00
C1 NI9 N . 1.58 -16.56 -4.01
O1 NI9 N . 3.21 -15.49 -5.95
O2 NI9 N . 0.46 -17.37 -4.41
C2 NI9 N . 1.20 -15.03 -4.15
O3 NI9 N . 4.16 -17.31 -4.59
C3 NI9 N . 0.36 -13.22 -2.75
P1 NI9 N . 2.28 -17.04 -2.35
P2 NI9 N . 2.90 -16.84 -5.29
O4 NI9 N . 1.17 -16.82 -1.30
O5 NI9 N . 2.43 -17.77 -6.28
O6 NI9 N . 2.66 -18.49 -2.38
O7 NI9 N . 3.45 -16.14 -2.03
N NI9 N . 0.14 -14.49 -3.24
F NI9 N . -0.45 -11.45 -1.41
C4 NI9 N . -1.75 -13.43 -1.56
C5 NI9 N . -0.99 -15.25 -2.92
C6 NI9 N . -1.95 -14.71 -2.07
C7 NI9 N . -0.61 -12.69 -1.91
C1 BME O . -20.37 -3.53 5.12
C2 BME O . -20.23 -3.61 3.60
O1 BME O . -21.54 -3.60 5.42
S2 BME O . -18.46 -3.50 3.20
C1 MPD P . -14.69 -8.98 7.60
C2 MPD P . -14.65 -10.17 6.66
O2 MPD P . -13.47 -10.11 5.86
CM MPD P . -14.66 -11.44 7.52
C3 MPD P . -15.91 -10.16 5.75
C4 MPD P . -15.96 -8.91 4.84
O4 MPD P . -14.82 -8.92 3.96
C5 MPD P . -17.23 -8.97 3.99
#